data_8ZVZ
#
_entry.id   8ZVZ
#
loop_
_entity.id
_entity.type
_entity.pdbx_description
1 polymer 'Guanine nucleotide-binding protein G(s) subunit alpha isoforms short'
2 polymer 'Guanine nucleotide-binding protein G(I)/G(S)/G(T) subunit beta-1'
3 polymer 'Soluble cytochrome b562,Prostaglandin D2 receptor'
4 polymer 'Guanine nucleotide-binding protein G(I)/G(S)/G(O) subunit gamma-2'
5 polymer 'nanobody Nb35'
6 non-polymer '7-{(4S)-3-[(3R)-3-cyclohexyl-3-hydroxypropyl]-2,5-dioxoimidazolidin-4-yl}heptanoic acid'
7 non-polymer CHOLESTEROL
8 water water
#
loop_
_entity_poly.entity_id
_entity_poly.type
_entity_poly.pdbx_seq_one_letter_code
_entity_poly.pdbx_strand_id
1 'polypeptide(L)'
;MGCLGNSKTEDQRNEEKAQREANKKIEKQLQKDKQVYRATHRLLLLGAGESGKNTIVKQMRILHVNGFNGEGGEEDPQAA
RSNSDGEKATKVQDIKNNLKEAIETIVAAMSNLVPPVELANPENQFRVDYILSVMNVPDFDFPPEFYEHAKALWEDEGVR
ACYERSNEYQLIDCAQYFLDKIDVIKQADYVPSDQDLLRCRVLTSGIFETKFQVDKVNFHMFDVGAQRDERRKWIQCFND
VTAIIFVVASSSYNMVIREDNQTNRLQAALKLFDSIWNNKWLRDTSVILFLNKQDLLAEKVLAGKSKIEDYFPEFARYTT
PEDATPEPGEDPRVTRAKYFIRDEFLRISTASGDGRHYCYPHFTCSVDTENIRRVFNDCRDIIQRMHLRQYELL
;
A
2 'polypeptide(L)'
;MGSLLQSELDQLRQEAEQLKNQIRDARKACADATLSQITNNIDPVGRIQMRTRRTLRGHLAKIYAMHWGTDSRLLVSASQ
DGKLIIWDSYTTNKVHAIPLRSSWVMTCAYAPSGNYVACGGLDNICSIYNLKTREGNVRVSRELAGHTGYLSCCRFLDDN
QIVTSSGDTTCALWDIETGQQTTTFTGHTGDVMSLSLAPDTRLFVSGACDASAKLWDVREGMCRQTFTGHESDINAICFF
PNGNAFATGSDDATCRLFDLRADQELMTYSHDNIICGITSVSFSKSGRLLLAGYDDFNCNVWDALKADRAGVLAGHDNRV
SCLGVTDDGMAVATGSWDSFLKIWN
;
B
3 'polypeptide(L)'
;MKTIIALSYIFCLVFAADLEDNWETLNDNLKVIEKADNAAQVKDALTKMRAAALDAQKATPPKLEDKSPDSPEMKDFRHG
FDILVGQIDDALKLANEGKVKEAQAAAEQLKTTRNAYIQKYLGGSGGSMKSPFYRCQNTTSVEKGNSAVMGGVLFSTGLL
GNLLALGLLARSGLGWCSRRPLRPLPSVFYMLVCGLTVTDLLGKCLLSPVVLAAYAQNRSLRVLAPALDNSLCQAFAFFM
SFFGLSSTLQLLAMALECWLSLGHPFFYRRHITLRLGALVAPVVSAFSLAFCALPFMGFGKFVQYCPGTWCFIQMVHEEG
SLSVLGYSVLYSSLMALLVLATVLCNLGAMRNLYAMHRRLQRHPRSCTRDCAEPRADGREASPQPLEELDHLLLLALMTV
LFTMCSLPVIYRAYYGAFKDVKEKNRTSEEAEDLRALRFLSVISIVDPWIFIIFRSPVFRIFFHKIFI
;
D
4 'polypeptide(L)' MASNNTASIAQARKLVEQLKMEANIDRIKVSKAAADLMAYCEAHAKEDPLLTPVPASENPFREKKFFCAIL G
5 'polypeptide(L)'
;MKYLLPTAAAGLLLLAAQPAMAQVQLQESGGGLVQPGGSLRLSCAASGFTFSNYKMNWVRQAPGKGLEWVSDISQSGASI
SYTGSVKGRFTISRDNAKNTLYLQMNSLKPEDTAVYYCARCPAPFTRDCFDVTSTTYAYRGQGTQVTVSSHHHHHH
;
N
#
# COMPACT_ATOMS: atom_id res chain seq x y z
N THR A 9 27.60 36.24 3.35
CA THR A 9 27.15 35.92 2.01
C THR A 9 25.71 36.35 1.79
N GLU A 10 25.52 37.65 1.50
CA GLU A 10 24.16 38.16 1.28
C GLU A 10 23.54 37.54 0.03
N ASP A 11 24.32 37.28 -1.01
CA ASP A 11 23.78 36.66 -2.21
C ASP A 11 23.27 35.26 -1.92
N GLN A 12 24.01 34.51 -1.08
CA GLN A 12 23.55 33.17 -0.70
C GLN A 12 22.22 33.23 0.03
N ARG A 13 22.06 34.20 0.94
CA ARG A 13 20.81 34.32 1.68
C ARG A 13 19.67 34.76 0.77
N ASN A 14 19.96 35.63 -0.20
CA ASN A 14 18.93 36.03 -1.16
C ASN A 14 18.49 34.84 -2.00
N GLU A 15 19.44 34.03 -2.47
CA GLU A 15 19.08 32.83 -3.22
C GLU A 15 18.29 31.86 -2.36
N GLU A 16 18.65 31.75 -1.08
CA GLU A 16 17.91 30.87 -0.18
C GLU A 16 16.47 31.37 0.01
N LYS A 17 16.29 32.68 0.13
CA LYS A 17 14.94 33.23 0.26
C LYS A 17 14.13 33.00 -1.01
N ALA A 18 14.75 33.18 -2.18
CA ALA A 18 14.05 32.91 -3.42
C ALA A 18 13.65 31.45 -3.53
N GLN A 19 14.56 30.54 -3.15
CA GLN A 19 14.24 29.13 -3.18
C GLN A 19 13.15 28.78 -2.18
N ARG A 20 13.12 29.46 -1.03
CA ARG A 20 12.06 29.22 -0.05
C ARG A 20 10.72 29.68 -0.58
N GLU A 21 10.68 30.82 -1.27
CA GLU A 21 9.44 31.28 -1.88
C GLU A 21 8.98 30.29 -2.96
N ALA A 22 9.91 29.82 -3.78
CA ALA A 22 9.55 28.82 -4.79
C ALA A 22 9.03 27.54 -4.14
N ASN A 23 9.63 27.14 -3.02
CA ASN A 23 9.18 25.93 -2.32
C ASN A 23 7.79 26.14 -1.73
N LYS A 24 7.51 27.34 -1.22
CA LYS A 24 6.17 27.62 -0.72
C LYS A 24 5.13 27.57 -1.84
N LYS A 25 5.47 28.15 -3.00
CA LYS A 25 4.57 28.06 -4.14
C LYS A 25 4.33 26.62 -4.56
N ILE A 26 5.40 25.81 -4.59
CA ILE A 26 5.26 24.40 -4.96
C ILE A 26 4.44 23.66 -3.91
N GLU A 27 4.57 24.04 -2.63
CA GLU A 27 3.77 23.40 -1.60
C GLU A 27 2.29 23.73 -1.76
N LYS A 28 1.98 24.98 -2.10
CA LYS A 28 0.59 25.34 -2.38
C LYS A 28 0.06 24.54 -3.57
N GLN A 29 0.87 24.43 -4.63
CA GLN A 29 0.45 23.66 -5.80
C GLN A 29 0.23 22.20 -5.43
N LEU A 30 1.09 21.64 -4.59
CA LEU A 30 0.94 20.24 -4.20
C LEU A 30 -0.27 20.04 -3.29
N GLN A 31 -0.70 21.16 -2.68
CA GLN A 31 -1.89 21.24 -1.78
C GLN A 31 -3.19 21.44 -2.46
N LYS A 32 -3.24 22.30 -3.44
CA LYS A 32 -4.38 22.43 -4.25
C LYS A 32 -4.53 21.16 -5.06
N ASP A 33 -3.51 20.32 -5.16
CA ASP A 33 -3.56 19.08 -5.83
C ASP A 33 -3.74 17.89 -4.96
N LYS A 34 -3.49 17.97 -3.66
CA LYS A 34 -3.75 16.89 -2.74
C LYS A 34 -5.17 16.86 -2.66
N GLN A 35 -5.76 17.96 -2.92
CA GLN A 35 -7.20 18.18 -2.80
C GLN A 35 -7.93 17.62 -4.02
N VAL A 36 -7.34 17.78 -5.20
CA VAL A 36 -7.98 17.27 -6.42
C VAL A 36 -7.85 15.75 -6.50
N TYR A 37 -6.76 15.21 -5.94
CA TYR A 37 -6.48 13.78 -6.06
C TYR A 37 -7.34 12.96 -5.11
N ARG A 38 -7.31 13.29 -3.82
CA ARG A 38 -8.08 12.51 -2.85
C ARG A 38 -9.58 12.59 -3.14
N ALA A 39 -10.02 13.58 -3.93
CA ALA A 39 -11.41 13.65 -4.34
C ALA A 39 -11.71 12.79 -5.55
N THR A 40 -10.69 12.43 -6.34
CA THR A 40 -10.86 11.58 -7.50
C THR A 40 -10.59 10.12 -7.12
N HIS A 41 -11.35 9.22 -7.73
CA HIS A 41 -11.25 7.79 -7.42
C HIS A 41 -10.72 7.06 -8.66
N ARG A 42 -9.55 6.42 -8.48
CA ARG A 42 -8.94 5.69 -9.59
C ARG A 42 -9.40 4.24 -9.59
N LEU A 43 -9.58 3.70 -10.79
CA LEU A 43 -10.03 2.32 -10.97
C LEU A 43 -9.21 1.68 -12.07
N LEU A 44 -9.00 0.38 -11.97
CA LEU A 44 -8.24 -0.37 -12.98
C LEU A 44 -9.17 -1.37 -13.67
N LEU A 45 -9.40 -1.17 -14.96
CA LEU A 45 -10.26 -2.05 -15.74
C LEU A 45 -9.40 -3.15 -16.36
N LEU A 46 -9.76 -4.41 -16.08
CA LEU A 46 -9.02 -5.56 -16.58
C LEU A 46 -10.02 -6.63 -17.01
N GLY A 47 -9.57 -7.49 -17.92
CA GLY A 47 -10.42 -8.56 -18.40
C GLY A 47 -9.75 -9.29 -19.54
N ALA A 48 -10.29 -10.47 -19.84
CA ALA A 48 -9.75 -11.29 -20.92
C ALA A 48 -9.91 -10.58 -22.26
N GLY A 49 -9.12 -11.03 -23.23
CA GLY A 49 -9.18 -10.43 -24.56
C GLY A 49 -10.54 -10.59 -25.23
N GLU A 50 -11.20 -11.72 -25.00
CA GLU A 50 -12.52 -11.97 -25.58
C GLU A 50 -13.65 -11.36 -24.76
N SER A 51 -13.34 -10.66 -23.68
CA SER A 51 -14.37 -10.05 -22.84
C SER A 51 -14.95 -8.82 -23.52
N GLY A 52 -16.11 -8.40 -23.00
CA GLY A 52 -16.79 -7.22 -23.53
C GLY A 52 -16.36 -5.95 -22.87
N LYS A 53 -15.15 -5.94 -22.29
CA LYS A 53 -14.64 -4.74 -21.62
C LYS A 53 -14.58 -3.55 -22.57
N ASN A 54 -14.29 -3.79 -23.85
CA ASN A 54 -14.25 -2.70 -24.82
C ASN A 54 -15.62 -2.05 -24.96
N THR A 55 -16.69 -2.86 -24.99
CA THR A 55 -18.03 -2.32 -25.08
C THR A 55 -18.37 -1.51 -23.83
N ILE A 56 -17.92 -1.98 -22.65
CA ILE A 56 -18.18 -1.23 -21.42
C ILE A 56 -17.46 0.11 -21.46
N VAL A 57 -16.20 0.13 -21.93
CA VAL A 57 -15.47 1.38 -22.04
C VAL A 57 -16.18 2.32 -23.01
N LYS A 58 -16.64 1.79 -24.15
CA LYS A 58 -17.36 2.62 -25.12
C LYS A 58 -18.61 3.23 -24.48
N GLN A 59 -19.41 2.41 -23.81
CA GLN A 59 -20.63 2.90 -23.19
C GLN A 59 -20.33 3.95 -22.12
N MET A 60 -19.23 3.77 -21.39
CA MET A 60 -18.91 4.71 -20.33
C MET A 60 -18.37 6.03 -20.89
N ARG A 61 -17.69 5.99 -22.02
CA ARG A 61 -17.13 7.20 -22.62
C ARG A 61 -18.16 8.01 -23.40
N ILE A 62 -19.33 7.44 -23.68
CA ILE A 62 -20.38 8.17 -24.38
C ILE A 62 -21.09 9.10 -23.41
N THR A 204 -2.80 3.89 -29.41
CA THR A 204 -1.36 3.68 -29.51
C THR A 204 -0.72 3.67 -28.13
N SER A 205 -1.23 4.52 -27.24
CA SER A 205 -0.69 4.60 -25.89
C SER A 205 -0.90 3.28 -25.16
N GLY A 206 0.00 2.98 -24.23
CA GLY A 206 -0.08 1.75 -23.46
C GLY A 206 -1.14 1.75 -22.38
N ILE A 207 -1.80 2.89 -22.15
CA ILE A 207 -2.82 2.99 -21.11
C ILE A 207 -3.81 4.06 -21.53
N PHE A 208 -5.10 3.76 -21.35
CA PHE A 208 -6.18 4.67 -21.73
C PHE A 208 -6.92 5.12 -20.47
N GLU A 209 -7.24 6.41 -20.42
CA GLU A 209 -7.93 6.99 -19.27
C GLU A 209 -9.35 7.40 -19.66
N THR A 210 -10.32 7.09 -18.79
CA THR A 210 -11.71 7.47 -18.98
C THR A 210 -12.20 8.13 -17.71
N LYS A 211 -12.50 9.42 -17.79
CA LYS A 211 -12.98 10.20 -16.65
C LYS A 211 -14.49 10.36 -16.75
N PHE A 212 -15.20 9.99 -15.67
CA PHE A 212 -16.64 10.13 -15.65
C PHE A 212 -17.09 10.54 -14.26
N GLN A 213 -18.16 11.33 -14.20
CA GLN A 213 -18.69 11.85 -12.96
C GLN A 213 -20.01 11.16 -12.62
N VAL A 214 -20.07 10.61 -11.41
CA VAL A 214 -21.27 9.96 -10.89
C VAL A 214 -21.59 10.60 -9.54
N ASP A 215 -22.76 11.24 -9.45
CA ASP A 215 -23.18 11.93 -8.24
C ASP A 215 -22.12 12.95 -7.80
N LYS A 216 -21.58 13.68 -8.78
CA LYS A 216 -20.57 14.70 -8.52
C LYS A 216 -19.29 14.10 -7.93
N VAL A 217 -19.06 12.81 -8.21
CA VAL A 217 -17.85 12.11 -7.77
C VAL A 217 -17.08 11.71 -9.02
N ASN A 218 -15.81 12.09 -9.08
CA ASN A 218 -14.98 11.84 -10.25
C ASN A 218 -14.34 10.46 -10.17
N PHE A 219 -14.46 9.70 -11.26
CA PHE A 219 -13.87 8.36 -11.34
C PHE A 219 -13.04 8.29 -12.62
N HIS A 220 -11.78 7.89 -12.45
CA HIS A 220 -10.83 7.74 -13.55
C HIS A 220 -10.55 6.25 -13.72
N MET A 221 -11.14 5.66 -14.75
CA MET A 221 -10.91 4.25 -15.07
C MET A 221 -9.76 4.13 -16.06
N PHE A 222 -8.79 3.28 -15.72
CA PHE A 222 -7.59 3.09 -16.54
C PHE A 222 -7.62 1.70 -17.16
N ASP A 223 -7.54 1.67 -18.49
CA ASP A 223 -7.42 0.42 -19.25
C ASP A 223 -5.96 0.22 -19.63
N VAL A 224 -5.48 -1.02 -19.50
CA VAL A 224 -4.08 -1.34 -19.71
C VAL A 224 -3.90 -2.00 -21.06
N GLY A 225 -4.77 -1.67 -22.01
CA GLY A 225 -4.66 -2.22 -23.35
C GLY A 225 -3.31 -1.93 -23.98
N ALA A 226 -3.05 -2.64 -25.07
CA ALA A 226 -1.80 -2.50 -25.83
C ALA A 226 -0.58 -2.82 -24.99
N GLN A 227 -0.72 -3.72 -24.02
CA GLN A 227 0.37 -4.14 -23.15
C GLN A 227 0.51 -5.65 -23.21
N ARG A 228 1.74 -6.13 -23.06
CA ARG A 228 1.99 -7.56 -23.08
C ARG A 228 1.23 -8.26 -21.97
N ASP A 229 0.92 -9.54 -22.20
CA ASP A 229 0.09 -10.30 -21.27
C ASP A 229 0.83 -10.70 -19.99
N GLU A 230 2.09 -10.32 -19.82
CA GLU A 230 2.81 -10.58 -18.59
C GLU A 230 2.46 -9.46 -17.60
N ARG A 231 1.43 -9.71 -16.80
CA ARG A 231 0.87 -8.70 -15.91
C ARG A 231 1.46 -8.73 -14.51
N ARG A 232 2.38 -9.65 -14.22
CA ARG A 232 2.87 -9.82 -12.86
C ARG A 232 3.63 -8.60 -12.36
N LYS A 233 4.20 -7.78 -13.25
CA LYS A 233 5.04 -6.67 -12.83
C LYS A 233 4.26 -5.36 -12.74
N TRP A 234 3.70 -4.89 -13.85
CA TRP A 234 3.06 -3.59 -13.85
C TRP A 234 1.77 -3.56 -13.03
N ILE A 235 1.14 -4.71 -12.79
CA ILE A 235 -0.08 -4.72 -11.99
C ILE A 235 0.18 -4.14 -10.61
N GLN A 236 1.39 -4.34 -10.08
CA GLN A 236 1.72 -3.80 -8.76
C GLN A 236 1.56 -2.29 -8.72
N CYS A 237 1.68 -1.63 -9.87
CA CYS A 237 1.52 -0.18 -9.92
C CYS A 237 0.12 0.26 -9.51
N PHE A 238 -0.86 -0.63 -9.61
CA PHE A 238 -2.26 -0.31 -9.29
C PHE A 238 -2.68 -0.86 -7.93
N ASN A 239 -1.77 -0.84 -6.95
CA ASN A 239 -2.11 -1.35 -5.62
C ASN A 239 -3.01 -0.37 -4.87
N ASP A 240 -2.82 0.93 -5.08
CA ASP A 240 -3.57 1.96 -4.38
C ASP A 240 -4.86 2.35 -5.09
N VAL A 241 -5.17 1.74 -6.24
CA VAL A 241 -6.39 2.09 -6.95
C VAL A 241 -7.60 1.77 -6.08
N THR A 242 -8.68 2.53 -6.28
CA THR A 242 -9.88 2.33 -5.48
C THR A 242 -10.45 0.93 -5.69
N ALA A 243 -10.44 0.43 -6.92
CA ALA A 243 -10.96 -0.90 -7.20
C ALA A 243 -10.44 -1.39 -8.54
N ILE A 244 -10.49 -2.71 -8.71
CA ILE A 244 -10.11 -3.36 -9.96
C ILE A 244 -11.38 -3.97 -10.54
N ILE A 245 -11.89 -3.36 -11.61
CA ILE A 245 -13.06 -3.88 -12.33
C ILE A 245 -12.58 -5.01 -13.21
N PHE A 246 -12.77 -6.25 -12.75
CA PHE A 246 -12.38 -7.45 -13.50
C PHE A 246 -13.60 -7.97 -14.23
N VAL A 247 -13.60 -7.86 -15.54
CA VAL A 247 -14.72 -8.29 -16.38
C VAL A 247 -14.37 -9.65 -16.96
N VAL A 248 -15.20 -10.64 -16.67
CA VAL A 248 -15.01 -12.01 -17.15
C VAL A 248 -16.24 -12.43 -17.94
N ALA A 249 -16.00 -13.05 -19.10
CA ALA A 249 -17.08 -13.52 -19.95
C ALA A 249 -17.50 -14.92 -19.49
N SER A 250 -18.66 -15.00 -18.85
CA SER A 250 -19.14 -16.28 -18.35
C SER A 250 -19.47 -17.25 -19.47
N SER A 251 -19.83 -16.72 -20.65
CA SER A 251 -20.21 -17.56 -21.78
C SER A 251 -19.00 -18.04 -22.59
N SER A 252 -17.78 -17.66 -22.22
CA SER A 252 -16.59 -18.03 -22.95
C SER A 252 -16.03 -19.39 -22.53
N TYR A 253 -16.83 -20.22 -21.86
CA TYR A 253 -16.37 -21.54 -21.46
C TYR A 253 -16.49 -22.51 -22.64
N ASN A 254 -15.44 -23.30 -22.84
CA ASN A 254 -15.41 -24.27 -23.93
C ASN A 254 -16.56 -25.26 -23.81
N THR A 263 -9.89 -22.68 -26.45
CA THR A 263 -9.91 -23.49 -25.22
C THR A 263 -10.86 -22.90 -24.19
N ASN A 264 -10.82 -23.46 -22.99
CA ASN A 264 -11.67 -22.98 -21.89
C ASN A 264 -11.12 -21.66 -21.37
N ARG A 265 -11.70 -20.56 -21.82
CA ARG A 265 -11.25 -19.24 -21.38
C ARG A 265 -11.72 -18.93 -19.97
N LEU A 266 -12.81 -19.55 -19.53
CA LEU A 266 -13.29 -19.32 -18.16
C LEU A 266 -12.27 -19.80 -17.14
N GLN A 267 -11.56 -20.89 -17.43
CA GLN A 267 -10.52 -21.36 -16.53
C GLN A 267 -9.37 -20.37 -16.46
N ALA A 268 -8.98 -19.80 -17.61
CA ALA A 268 -7.93 -18.79 -17.60
C ALA A 268 -8.36 -17.56 -16.80
N ALA A 269 -9.62 -17.14 -16.96
CA ALA A 269 -10.12 -16.01 -16.19
C ALA A 269 -10.11 -16.32 -14.69
N LEU A 270 -10.50 -17.54 -14.33
CA LEU A 270 -10.46 -17.94 -12.92
C LEU A 270 -9.04 -17.90 -12.36
N LYS A 271 -8.07 -18.43 -13.13
CA LYS A 271 -6.70 -18.40 -12.66
C LYS A 271 -6.18 -16.97 -12.53
N LEU A 272 -6.53 -16.10 -13.48
CA LEU A 272 -6.10 -14.71 -13.39
C LEU A 272 -6.71 -14.03 -12.18
N PHE A 273 -8.00 -14.27 -11.92
CA PHE A 273 -8.64 -13.68 -10.75
C PHE A 273 -8.00 -14.19 -9.46
N ASP A 274 -7.67 -15.49 -9.41
CA ASP A 274 -7.01 -16.04 -8.23
C ASP A 274 -5.64 -15.41 -8.02
N SER A 275 -4.88 -15.25 -9.10
CA SER A 275 -3.57 -14.62 -8.99
C SER A 275 -3.68 -13.18 -8.51
N ILE A 276 -4.66 -12.44 -9.04
CA ILE A 276 -4.84 -11.05 -8.62
C ILE A 276 -5.27 -10.99 -7.15
N TRP A 277 -6.10 -11.93 -6.71
CA TRP A 277 -6.57 -11.93 -5.34
C TRP A 277 -5.47 -12.33 -4.37
N ASN A 278 -4.54 -13.18 -4.81
CA ASN A 278 -3.45 -13.64 -3.96
C ASN A 278 -2.19 -12.80 -4.09
N ASN A 279 -2.13 -11.89 -5.05
CA ASN A 279 -0.95 -11.04 -5.22
C ASN A 279 -0.70 -10.24 -3.95
N LYS A 280 0.53 -10.31 -3.43
CA LYS A 280 0.87 -9.64 -2.18
C LYS A 280 0.46 -8.18 -2.19
N TRP A 281 0.87 -7.44 -3.22
CA TRP A 281 0.64 -6.00 -3.28
C TRP A 281 -0.79 -5.65 -3.65
N LEU A 282 -1.65 -6.63 -3.92
CA LEU A 282 -3.05 -6.38 -4.22
C LEU A 282 -3.99 -6.92 -3.14
N ARG A 283 -3.45 -7.40 -2.02
CA ARG A 283 -4.29 -7.92 -0.95
C ARG A 283 -5.16 -6.85 -0.31
N ASP A 284 -4.84 -5.57 -0.50
CA ASP A 284 -5.60 -4.47 0.06
C ASP A 284 -6.46 -3.77 -0.98
N THR A 285 -6.58 -4.31 -2.19
CA THR A 285 -7.35 -3.72 -3.26
C THR A 285 -8.57 -4.58 -3.54
N SER A 286 -9.74 -3.95 -3.59
CA SER A 286 -10.99 -4.66 -3.85
C SER A 286 -11.15 -4.91 -5.34
N VAL A 287 -11.82 -6.00 -5.67
CA VAL A 287 -12.04 -6.41 -7.06
C VAL A 287 -13.55 -6.51 -7.29
N ILE A 288 -14.04 -5.72 -8.25
CA ILE A 288 -15.43 -5.77 -8.67
C ILE A 288 -15.53 -6.73 -9.84
N LEU A 289 -16.19 -7.87 -9.62
CA LEU A 289 -16.26 -8.93 -10.63
C LEU A 289 -17.50 -8.73 -11.47
N PHE A 290 -17.32 -8.39 -12.74
CA PHE A 290 -18.42 -8.23 -13.69
C PHE A 290 -18.50 -9.50 -14.54
N LEU A 291 -19.50 -10.34 -14.25
CA LEU A 291 -19.79 -11.52 -15.04
C LEU A 291 -20.56 -11.09 -16.28
N ASN A 292 -19.80 -10.62 -17.28
CA ASN A 292 -20.39 -10.03 -18.47
C ASN A 292 -20.85 -11.12 -19.43
N LYS A 293 -21.67 -10.71 -20.41
CA LYS A 293 -22.19 -11.62 -21.43
C LYS A 293 -23.07 -12.70 -20.82
N GLN A 294 -24.06 -12.27 -20.03
CA GLN A 294 -25.00 -13.22 -19.44
C GLN A 294 -26.03 -13.69 -20.47
N ASP A 295 -26.34 -12.86 -21.47
CA ASP A 295 -27.28 -13.27 -22.50
C ASP A 295 -26.73 -14.43 -23.32
N LEU A 296 -25.44 -14.38 -23.65
CA LEU A 296 -24.82 -15.49 -24.37
C LEU A 296 -24.84 -16.76 -23.54
N LEU A 297 -24.52 -16.66 -22.25
CA LEU A 297 -24.56 -17.83 -21.38
C LEU A 297 -25.97 -18.41 -21.32
N ALA A 298 -26.98 -17.54 -21.21
CA ALA A 298 -28.36 -18.01 -21.16
C ALA A 298 -28.74 -18.73 -22.46
N GLU A 299 -28.41 -18.12 -23.60
CA GLU A 299 -28.74 -18.73 -24.88
C GLU A 299 -28.01 -20.05 -25.07
N LYS A 300 -26.80 -20.18 -24.52
CA LYS A 300 -26.03 -21.40 -24.69
C LYS A 300 -26.54 -22.51 -23.78
N VAL A 301 -26.89 -22.18 -22.54
CA VAL A 301 -27.32 -23.20 -21.58
C VAL A 301 -28.78 -23.59 -21.79
N LEU A 302 -29.58 -22.69 -22.36
CA LEU A 302 -31.00 -22.99 -22.56
C LEU A 302 -31.20 -23.93 -23.74
N ALA A 303 -30.76 -23.51 -24.93
CA ALA A 303 -30.88 -24.30 -26.15
C ALA A 303 -29.47 -24.54 -26.68
N GLY A 304 -28.83 -25.61 -26.23
CA GLY A 304 -27.49 -25.93 -26.67
C GLY A 304 -27.02 -27.20 -26.01
N LYS A 305 -25.91 -27.72 -26.53
CA LYS A 305 -25.31 -28.95 -26.04
C LYS A 305 -24.00 -28.70 -25.30
N SER A 306 -23.70 -27.44 -24.96
CA SER A 306 -22.48 -27.10 -24.23
C SER A 306 -22.69 -27.40 -22.75
N LYS A 307 -22.65 -28.69 -22.43
CA LYS A 307 -22.87 -29.15 -21.07
C LYS A 307 -21.75 -28.65 -20.16
N ILE A 308 -22.13 -27.99 -19.06
CA ILE A 308 -21.12 -27.45 -18.15
C ILE A 308 -20.39 -28.56 -17.42
N GLU A 309 -21.09 -29.66 -17.10
CA GLU A 309 -20.44 -30.75 -16.38
C GLU A 309 -19.30 -31.36 -17.19
N ASP A 310 -19.35 -31.24 -18.52
CA ASP A 310 -18.26 -31.73 -19.35
C ASP A 310 -16.97 -30.94 -19.13
N TYR A 311 -17.08 -29.73 -18.60
CA TYR A 311 -15.92 -28.91 -18.28
C TYR A 311 -15.86 -28.51 -16.81
N PHE A 312 -16.86 -28.88 -16.02
CA PHE A 312 -16.88 -28.61 -14.58
C PHE A 312 -17.65 -29.72 -13.90
N PRO A 313 -17.00 -30.86 -13.65
CA PRO A 313 -17.72 -32.00 -13.06
C PRO A 313 -18.50 -31.66 -11.81
N GLU A 314 -17.97 -30.78 -10.94
CA GLU A 314 -18.70 -30.40 -9.74
C GLU A 314 -20.07 -29.84 -10.04
N PHE A 315 -20.26 -29.24 -11.22
CA PHE A 315 -21.57 -28.70 -11.58
C PHE A 315 -22.64 -29.78 -11.55
N ALA A 316 -22.26 -31.04 -11.74
CA ALA A 316 -23.24 -32.11 -11.70
C ALA A 316 -23.90 -32.22 -10.34
N ARG A 317 -23.21 -31.81 -9.28
CA ARG A 317 -23.73 -31.86 -7.92
C ARG A 317 -24.17 -30.50 -7.41
N TYR A 318 -23.95 -29.43 -8.17
CA TYR A 318 -24.31 -28.08 -7.73
C TYR A 318 -25.80 -27.86 -7.84
N THR A 319 -26.33 -27.08 -6.90
CA THR A 319 -27.75 -26.72 -6.87
C THR A 319 -27.89 -25.23 -6.57
N THR A 320 -29.00 -24.66 -7.04
CA THR A 320 -29.24 -23.24 -6.82
C THR A 320 -29.31 -22.95 -5.33
N PRO A 321 -28.61 -21.95 -4.82
CA PRO A 321 -28.66 -21.67 -3.38
C PRO A 321 -30.00 -21.05 -2.97
N GLU A 322 -30.18 -20.94 -1.66
CA GLU A 322 -31.43 -20.40 -1.13
C GLU A 322 -31.50 -18.88 -1.29
N ASP A 323 -30.37 -18.19 -1.10
CA ASP A 323 -30.36 -16.74 -1.20
C ASP A 323 -30.44 -16.25 -2.65
N ALA A 324 -30.48 -17.15 -3.62
CA ALA A 324 -30.52 -16.75 -5.02
C ALA A 324 -31.75 -15.89 -5.29
N THR A 325 -31.57 -14.84 -6.09
CA THR A 325 -32.62 -13.92 -6.50
C THR A 325 -32.78 -14.02 -8.01
N PRO A 326 -33.49 -15.04 -8.50
CA PRO A 326 -33.63 -15.21 -9.95
C PRO A 326 -34.39 -14.06 -10.58
N GLU A 327 -33.98 -13.70 -11.80
CA GLU A 327 -34.67 -12.65 -12.53
C GLU A 327 -36.06 -13.13 -12.94
N PRO A 328 -37.09 -12.30 -12.76
CA PRO A 328 -38.46 -12.76 -13.11
C PRO A 328 -38.57 -13.14 -14.57
N GLY A 329 -38.84 -14.43 -14.81
CA GLY A 329 -38.95 -14.97 -16.14
C GLY A 329 -37.74 -15.78 -16.58
N GLU A 330 -36.62 -15.67 -15.86
CA GLU A 330 -35.41 -16.40 -16.23
C GLU A 330 -35.60 -17.89 -15.98
N ASP A 331 -35.06 -18.70 -16.89
CA ASP A 331 -35.17 -20.15 -16.74
C ASP A 331 -34.33 -20.62 -15.55
N PRO A 332 -34.82 -21.58 -14.76
CA PRO A 332 -34.03 -22.05 -13.62
C PRO A 332 -32.63 -22.53 -13.99
N ARG A 333 -32.46 -23.11 -15.18
CA ARG A 333 -31.15 -23.60 -15.58
C ARG A 333 -30.17 -22.45 -15.78
N VAL A 334 -30.62 -21.35 -16.37
CA VAL A 334 -29.74 -20.19 -16.55
C VAL A 334 -29.31 -19.64 -15.21
N THR A 335 -30.24 -19.54 -14.26
CA THR A 335 -29.89 -19.05 -12.93
C THR A 335 -28.92 -20.00 -12.24
N ARG A 336 -29.14 -21.31 -12.38
CA ARG A 336 -28.23 -22.29 -11.81
C ARG A 336 -26.82 -22.11 -12.35
N ALA A 337 -26.69 -21.99 -13.68
CA ALA A 337 -25.38 -21.81 -14.28
C ALA A 337 -24.73 -20.50 -13.83
N LYS A 338 -25.51 -19.43 -13.77
CA LYS A 338 -24.97 -18.14 -13.33
C LYS A 338 -24.45 -18.22 -11.91
N TYR A 339 -25.25 -18.78 -11.00
CA TYR A 339 -24.81 -18.85 -9.61
C TYR A 339 -23.66 -19.83 -9.43
N PHE A 340 -23.58 -20.87 -10.27
CA PHE A 340 -22.42 -21.75 -10.21
C PHE A 340 -21.15 -21.01 -10.64
N ILE A 341 -21.22 -20.27 -11.74
CA ILE A 341 -20.07 -19.49 -12.18
C ILE A 341 -19.70 -18.45 -11.13
N ARG A 342 -20.69 -17.92 -10.43
CA ARG A 342 -20.40 -16.97 -9.35
C ARG A 342 -19.67 -17.67 -8.21
N ASP A 343 -20.22 -18.78 -7.71
CA ASP A 343 -19.57 -19.51 -6.63
C ASP A 343 -18.16 -19.94 -7.02
N GLU A 344 -17.91 -20.16 -8.32
CA GLU A 344 -16.56 -20.51 -8.76
C GLU A 344 -15.55 -19.46 -8.33
N PHE A 345 -15.92 -18.18 -8.44
CA PHE A 345 -15.04 -17.10 -7.98
C PHE A 345 -15.18 -16.86 -6.47
N LEU A 346 -16.37 -17.11 -5.92
CA LEU A 346 -16.57 -16.89 -4.49
C LEU A 346 -15.67 -17.80 -3.66
N ARG A 347 -15.53 -19.07 -4.07
CA ARG A 347 -14.69 -19.99 -3.32
C ARG A 347 -13.25 -19.50 -3.28
N ILE A 348 -12.78 -18.87 -4.35
CA ILE A 348 -11.41 -18.38 -4.39
C ILE A 348 -11.27 -17.10 -3.59
N SER A 349 -12.26 -16.22 -3.68
CA SER A 349 -12.16 -14.91 -3.05
C SER A 349 -12.38 -14.97 -1.54
N THR A 350 -13.18 -15.92 -1.05
CA THR A 350 -13.51 -16.00 0.36
C THR A 350 -12.53 -16.85 1.16
N ALA A 351 -11.59 -17.54 0.49
CA ALA A 351 -10.64 -18.40 1.19
C ALA A 351 -9.33 -17.70 1.52
N SER A 352 -9.01 -16.60 0.85
CA SER A 352 -7.75 -15.90 1.07
C SER A 352 -8.00 -14.40 1.18
N GLY A 353 -9.01 -14.02 1.95
CA GLY A 353 -9.31 -12.62 2.15
C GLY A 353 -10.27 -12.37 3.30
N ASP A 354 -9.93 -11.39 4.15
CA ASP A 354 -10.78 -11.02 5.27
C ASP A 354 -10.29 -9.68 5.82
N GLY A 355 -11.18 -8.69 5.83
CA GLY A 355 -10.83 -7.38 6.35
C GLY A 355 -9.70 -6.71 5.62
N ARG A 356 -9.33 -7.21 4.44
CA ARG A 356 -8.27 -6.62 3.64
C ARG A 356 -8.82 -6.17 2.29
N HIS A 357 -9.58 -7.06 1.65
CA HIS A 357 -10.22 -6.75 0.36
C HIS A 357 -11.41 -7.68 0.19
N TYR A 358 -12.38 -7.21 -0.61
CA TYR A 358 -13.62 -7.93 -0.84
C TYR A 358 -13.93 -7.97 -2.32
N CYS A 359 -14.74 -8.94 -2.71
CA CYS A 359 -15.16 -9.13 -4.09
C CYS A 359 -16.62 -8.71 -4.23
N TYR A 360 -16.93 -8.03 -5.33
CA TYR A 360 -18.29 -7.56 -5.62
C TYR A 360 -18.78 -8.18 -6.91
N PRO A 361 -19.33 -9.40 -6.89
CA PRO A 361 -19.84 -10.02 -8.12
C PRO A 361 -21.18 -9.42 -8.51
N HIS A 362 -21.26 -8.95 -9.75
CA HIS A 362 -22.48 -8.35 -10.29
C HIS A 362 -22.75 -8.93 -11.66
N PHE A 363 -23.95 -9.51 -11.84
CA PHE A 363 -24.36 -10.05 -13.13
C PHE A 363 -24.73 -8.89 -14.04
N THR A 364 -23.94 -8.64 -15.08
CA THR A 364 -24.12 -7.51 -15.96
C THR A 364 -23.97 -7.95 -17.41
N CYS A 365 -24.31 -7.05 -18.32
CA CYS A 365 -24.16 -7.25 -19.75
C CYS A 365 -23.38 -6.10 -20.36
N SER A 366 -22.90 -6.31 -21.59
CA SER A 366 -22.07 -5.30 -22.25
C SER A 366 -22.85 -4.01 -22.47
N VAL A 367 -24.16 -4.10 -22.73
CA VAL A 367 -24.96 -2.92 -23.05
C VAL A 367 -25.63 -2.32 -21.82
N ASP A 368 -25.45 -2.91 -20.64
CA ASP A 368 -26.08 -2.39 -19.44
C ASP A 368 -25.38 -1.13 -18.96
N THR A 369 -26.12 -0.03 -18.86
CA THR A 369 -25.56 1.21 -18.34
C THR A 369 -25.48 1.23 -16.82
N GLU A 370 -26.44 0.61 -16.13
CA GLU A 370 -26.44 0.57 -14.68
C GLU A 370 -25.10 0.10 -14.11
N ASN A 371 -24.30 -0.61 -14.91
CA ASN A 371 -22.96 -1.00 -14.47
C ASN A 371 -22.24 0.17 -13.82
N ILE A 372 -22.27 1.34 -14.47
CA ILE A 372 -21.64 2.51 -13.88
C ILE A 372 -22.10 2.70 -12.44
N ARG A 373 -23.42 2.83 -12.24
CA ARG A 373 -23.96 2.96 -10.89
C ARG A 373 -23.37 1.88 -9.98
N ARG A 374 -23.39 0.62 -10.42
CA ARG A 374 -22.84 -0.45 -9.60
C ARG A 374 -21.45 -0.06 -9.08
N VAL A 375 -20.54 0.28 -10.00
CA VAL A 375 -19.20 0.70 -9.58
C VAL A 375 -19.31 1.73 -8.46
N PHE A 376 -20.03 2.83 -8.72
CA PHE A 376 -20.22 3.84 -7.69
C PHE A 376 -20.59 3.20 -6.36
N ASN A 377 -21.69 2.43 -6.36
CA ASN A 377 -22.10 1.75 -5.14
C ASN A 377 -20.92 1.01 -4.53
N ASP A 378 -20.30 0.10 -5.30
CA ASP A 378 -19.15 -0.63 -4.78
C ASP A 378 -18.14 0.32 -4.16
N CYS A 379 -17.76 1.38 -4.88
CA CYS A 379 -16.80 2.33 -4.34
C CYS A 379 -17.21 2.76 -2.94
N ARG A 380 -18.43 3.25 -2.78
CA ARG A 380 -18.91 3.64 -1.46
C ARG A 380 -18.57 2.55 -0.43
N ASP A 381 -19.07 1.34 -0.67
CA ASP A 381 -18.78 0.23 0.24
C ASP A 381 -17.29 0.20 0.56
N ILE A 382 -16.45 0.09 -0.47
CA ILE A 382 -15.01 0.05 -0.25
C ILE A 382 -14.59 1.19 0.67
N ILE A 383 -14.91 2.42 0.31
CA ILE A 383 -14.50 3.56 1.13
C ILE A 383 -14.99 3.38 2.55
N GLN A 384 -16.27 3.23 2.79
CA GLN A 384 -16.80 3.04 4.09
C GLN A 384 -16.07 2.06 4.88
N ARG A 385 -15.61 0.99 4.29
CA ARG A 385 -14.92 -0.03 4.98
C ARG A 385 -13.54 0.34 5.31
N MET A 386 -12.97 1.27 4.60
CA MET A 386 -11.66 1.76 4.83
C MET A 386 -11.78 2.78 5.89
N HIS A 387 -12.95 3.39 5.98
CA HIS A 387 -13.15 4.33 7.06
C HIS A 387 -13.34 3.60 8.39
N LEU A 388 -14.05 2.47 8.36
CA LEU A 388 -14.22 1.68 9.58
C LEU A 388 -12.88 1.26 10.17
N ARG A 389 -11.84 1.15 9.32
CA ARG A 389 -10.53 0.75 9.82
C ARG A 389 -9.89 1.84 10.67
N GLN A 390 -10.30 3.07 10.57
N GLN A 390 -10.34 3.07 10.58
CA GLN A 390 -9.70 4.13 11.35
CA GLN A 390 -9.72 4.15 11.33
C GLN A 390 -10.02 4.01 12.80
C GLN A 390 -10.03 4.02 12.79
N TYR A 391 -11.13 3.38 13.08
CA TYR A 391 -11.54 3.22 14.47
C TYR A 391 -10.92 1.98 15.11
N GLU A 392 -9.59 1.89 15.04
CA GLU A 392 -8.85 0.77 15.62
C GLU A 392 -7.52 1.30 16.14
N LEU A 393 -7.46 1.55 17.44
CA LEU A 393 -6.25 2.10 18.07
C LEU A 393 -5.31 0.98 18.46
N GLU B 8 14.09 -30.44 -38.00
CA GLU B 8 15.27 -29.58 -38.14
C GLU B 8 15.50 -28.79 -36.84
N LEU B 9 14.41 -28.51 -36.13
CA LEU B 9 14.52 -27.76 -34.88
C LEU B 9 15.37 -28.50 -33.87
N ASP B 10 15.37 -29.84 -33.92
CA ASP B 10 16.19 -30.61 -33.00
C ASP B 10 17.68 -30.31 -33.19
N GLN B 11 18.11 -30.07 -34.44
CA GLN B 11 19.50 -29.73 -34.68
C GLN B 11 19.86 -28.41 -34.00
N LEU B 12 19.00 -27.40 -34.15
CA LEU B 12 19.25 -26.12 -33.49
C LEU B 12 19.25 -26.27 -31.97
N ARG B 13 18.33 -27.10 -31.45
CA ARG B 13 18.29 -27.33 -30.01
C ARG B 13 19.59 -27.94 -29.51
N GLN B 14 20.07 -28.98 -30.21
CA GLN B 14 21.31 -29.63 -29.80
C GLN B 14 22.49 -28.67 -29.93
N GLU B 15 22.51 -27.85 -30.98
CA GLU B 15 23.59 -26.90 -31.15
C GLU B 15 23.61 -25.89 -30.00
N ALA B 16 22.44 -25.36 -29.65
CA ALA B 16 22.37 -24.43 -28.53
C ALA B 16 22.80 -25.10 -27.22
N GLU B 17 22.38 -26.35 -27.02
CA GLU B 17 22.73 -27.05 -25.80
C GLU B 17 24.24 -27.25 -25.70
N GLN B 18 24.87 -27.68 -26.79
CA GLN B 18 26.31 -27.93 -26.74
C GLN B 18 27.09 -26.63 -26.65
N LEU B 19 26.60 -25.55 -27.25
CA LEU B 19 27.25 -24.26 -27.08
C LEU B 19 27.16 -23.77 -25.64
N LYS B 20 26.00 -23.93 -25.01
CA LYS B 20 25.86 -23.55 -23.61
C LYS B 20 26.77 -24.41 -22.72
N ASN B 21 26.88 -25.71 -23.03
CA ASN B 21 27.76 -26.58 -22.26
C ASN B 21 29.22 -26.14 -22.42
N GLN B 22 29.63 -25.80 -23.64
CA GLN B 22 30.99 -25.33 -23.85
C GLN B 22 31.26 -24.03 -23.10
N ILE B 23 30.30 -23.11 -23.13
CA ILE B 23 30.47 -21.84 -22.41
C ILE B 23 30.56 -22.08 -20.91
N ARG B 24 29.74 -22.99 -20.39
CA ARG B 24 29.79 -23.30 -18.97
C ARG B 24 31.13 -23.93 -18.59
N ASP B 25 31.64 -24.84 -19.42
CA ASP B 25 32.94 -25.44 -19.17
C ASP B 25 34.04 -24.38 -19.19
N ALA B 26 33.96 -23.45 -20.13
CA ALA B 26 34.95 -22.38 -20.20
C ALA B 26 34.90 -21.50 -18.94
N ARG B 27 33.68 -21.12 -18.52
CA ARG B 27 33.54 -20.32 -17.31
C ARG B 27 34.08 -21.06 -16.09
N LYS B 28 33.84 -22.37 -16.01
CA LYS B 28 34.35 -23.15 -14.89
C LYS B 28 35.87 -23.23 -14.92
N ALA B 29 36.45 -23.35 -16.11
CA ALA B 29 37.91 -23.40 -16.22
C ALA B 29 38.55 -22.13 -15.71
N CYS B 30 37.94 -20.98 -15.97
CA CYS B 30 38.46 -19.70 -15.49
C CYS B 30 38.19 -19.48 -14.00
N ALA B 31 37.43 -20.36 -13.35
CA ALA B 31 37.12 -20.21 -11.93
C ALA B 31 38.20 -20.89 -11.10
N ASP B 32 39.42 -20.34 -11.21
CA ASP B 32 40.55 -20.88 -10.46
C ASP B 32 40.40 -20.62 -8.96
N ALA B 33 39.72 -19.54 -8.59
CA ALA B 33 39.51 -19.20 -7.19
C ALA B 33 38.16 -18.51 -7.06
N THR B 34 37.85 -18.08 -5.83
CA THR B 34 36.60 -17.39 -5.54
C THR B 34 36.90 -16.09 -4.80
N LEU B 35 36.07 -15.08 -5.06
CA LEU B 35 36.28 -13.78 -4.45
C LEU B 35 36.19 -13.84 -2.93
N SER B 36 35.34 -14.70 -2.39
CA SER B 36 35.17 -14.78 -0.95
C SER B 36 36.43 -15.29 -0.25
N GLN B 37 37.04 -16.35 -0.80
CA GLN B 37 38.23 -16.91 -0.17
C GLN B 37 39.41 -15.95 -0.23
N ILE B 38 39.46 -15.09 -1.26
CA ILE B 38 40.55 -14.13 -1.36
C ILE B 38 40.28 -12.91 -0.50
N THR B 39 39.02 -12.52 -0.34
CA THR B 39 38.65 -11.37 0.48
C THR B 39 38.58 -11.72 1.97
N ASN B 40 38.61 -13.01 2.32
CA ASN B 40 38.58 -13.38 3.72
C ASN B 40 39.67 -12.67 4.52
N ASN B 41 40.75 -12.26 3.87
CA ASN B 41 41.83 -11.54 4.55
C ASN B 41 41.57 -10.04 4.64
N ILE B 42 40.55 -9.53 3.95
CA ILE B 42 40.23 -8.11 4.03
C ILE B 42 39.60 -7.79 5.38
N ASP B 43 39.91 -6.62 5.91
CA ASP B 43 39.35 -6.21 7.19
C ASP B 43 37.86 -5.92 7.03
N PRO B 44 37.00 -6.44 7.89
CA PRO B 44 35.56 -6.19 7.73
C PRO B 44 35.21 -4.75 8.10
N VAL B 45 34.12 -4.26 7.49
CA VAL B 45 33.67 -2.90 7.77
C VAL B 45 33.06 -2.82 9.16
N GLY B 46 32.57 -3.94 9.69
CA GLY B 46 31.95 -3.95 11.00
C GLY B 46 30.50 -3.52 10.98
N ARG B 47 30.22 -2.35 11.53
CA ARG B 47 28.86 -1.83 11.57
C ARG B 47 28.91 -0.31 11.48
N ILE B 48 28.00 0.26 10.71
CA ILE B 48 27.91 1.71 10.50
C ILE B 48 26.48 2.12 10.80
N GLN B 49 26.29 2.97 11.80
CA GLN B 49 24.96 3.44 12.21
C GLN B 49 24.61 4.66 11.39
N MET B 50 24.12 4.43 10.17
CA MET B 50 23.70 5.53 9.30
C MET B 50 22.33 6.03 9.73
N ARG B 51 22.19 7.35 9.80
CA ARG B 51 20.95 7.99 10.21
C ARG B 51 20.47 8.95 9.13
N THR B 52 19.16 9.20 9.13
CA THR B 52 18.55 10.11 8.18
C THR B 52 18.82 11.54 8.59
N ARG B 53 19.53 12.28 7.73
CA ARG B 53 19.86 13.68 8.03
C ARG B 53 18.84 14.65 7.47
N ARG B 54 18.12 14.26 6.42
CA ARG B 54 17.12 15.12 5.79
C ARG B 54 15.90 14.29 5.43
N THR B 55 14.72 14.85 5.68
CA THR B 55 13.45 14.20 5.37
C THR B 55 12.70 15.08 4.39
N LEU B 56 12.35 14.51 3.23
CA LEU B 56 11.65 15.24 2.18
C LEU B 56 10.19 14.81 2.17
N ARG B 57 9.29 15.78 2.24
CA ARG B 57 7.86 15.55 2.27
C ARG B 57 7.17 16.43 1.22
N GLY B 58 6.11 15.89 0.63
CA GLY B 58 5.36 16.62 -0.39
C GLY B 58 4.77 15.74 -1.46
N HIS B 59 5.28 14.52 -1.60
CA HIS B 59 4.75 13.57 -2.57
C HIS B 59 3.42 13.02 -2.09
N LEU B 60 2.49 12.85 -3.03
CA LEU B 60 1.15 12.36 -2.71
C LEU B 60 1.05 10.85 -2.83
N ALA B 61 1.35 10.31 -4.02
CA ALA B 61 1.29 8.88 -4.27
C ALA B 61 2.64 8.24 -4.00
N LYS B 62 2.70 6.93 -4.17
CA LYS B 62 3.94 6.18 -3.92
C LYS B 62 5.00 6.57 -4.94
N ILE B 63 6.17 6.96 -4.45
CA ILE B 63 7.30 7.27 -5.31
C ILE B 63 7.83 5.98 -5.92
N TYR B 64 8.15 6.01 -7.21
CA TYR B 64 8.58 4.81 -7.91
C TYR B 64 9.99 4.87 -8.45
N ALA B 65 10.53 6.05 -8.76
CA ALA B 65 11.85 6.15 -9.36
C ALA B 65 12.58 7.37 -8.79
N MET B 66 13.91 7.33 -8.89
CA MET B 66 14.75 8.41 -8.41
C MET B 66 16.12 8.28 -9.06
N HIS B 67 16.81 9.41 -9.19
CA HIS B 67 18.14 9.43 -9.79
C HIS B 67 18.87 10.67 -9.31
N TRP B 68 20.06 10.48 -8.75
CA TRP B 68 20.86 11.61 -8.28
C TRP B 68 21.50 12.32 -9.47
N GLY B 69 21.73 13.63 -9.28
CA GLY B 69 22.41 14.42 -10.29
C GLY B 69 23.92 14.46 -10.08
N THR B 70 24.63 14.75 -11.16
CA THR B 70 26.09 14.81 -11.10
C THR B 70 26.55 15.87 -10.12
N ASP B 71 25.81 16.98 -10.02
CA ASP B 71 26.17 18.05 -9.09
C ASP B 71 26.07 17.62 -7.64
N SER B 72 25.40 16.51 -7.35
CA SER B 72 25.24 15.99 -5.99
C SER B 72 24.47 16.96 -5.10
N ARG B 73 23.76 17.91 -5.69
CA ARG B 73 22.96 18.89 -4.96
C ARG B 73 21.47 18.70 -5.17
N LEU B 74 21.03 18.63 -6.43
CA LEU B 74 19.62 18.47 -6.77
C LEU B 74 19.33 17.01 -7.09
N LEU B 75 18.13 16.57 -6.72
CA LEU B 75 17.68 15.21 -6.99
C LEU B 75 16.28 15.25 -7.57
N VAL B 76 15.93 14.24 -8.36
CA VAL B 76 14.64 14.15 -9.02
C VAL B 76 13.93 12.90 -8.54
N SER B 77 12.62 13.02 -8.27
CA SER B 77 11.82 11.92 -7.79
C SER B 77 10.47 11.92 -8.49
N ALA B 78 10.04 10.75 -8.93
CA ALA B 78 8.81 10.58 -9.68
C ALA B 78 7.80 9.78 -8.86
N SER B 79 6.57 10.30 -8.78
CA SER B 79 5.48 9.62 -8.09
C SER B 79 4.37 9.31 -9.08
N GLN B 80 3.65 8.22 -8.80
CA GLN B 80 2.59 7.74 -9.69
C GLN B 80 1.33 8.59 -9.63
N ASP B 81 1.39 9.74 -8.96
CA ASP B 81 0.33 10.74 -9.01
C ASP B 81 0.49 11.69 -10.18
N GLY B 82 1.45 11.43 -11.06
CA GLY B 82 1.72 12.32 -12.18
C GLY B 82 2.57 13.51 -11.80
N LYS B 83 3.56 13.34 -10.93
CA LYS B 83 4.35 14.44 -10.41
C LYS B 83 5.83 14.06 -10.38
N LEU B 84 6.65 14.95 -10.92
CA LEU B 84 8.11 14.81 -10.89
C LEU B 84 8.64 16.01 -10.12
N ILE B 85 9.18 15.77 -8.93
CA ILE B 85 9.62 16.84 -8.03
C ILE B 85 11.15 16.86 -7.99
N ILE B 86 11.72 18.05 -8.03
CA ILE B 86 13.15 18.27 -7.90
C ILE B 86 13.41 18.87 -6.53
N TRP B 87 14.17 18.16 -5.70
CA TRP B 87 14.47 18.56 -4.34
C TRP B 87 15.93 18.97 -4.22
N ASP B 88 16.19 19.90 -3.30
CA ASP B 88 17.53 20.31 -2.97
C ASP B 88 18.04 19.44 -1.82
N SER B 89 19.16 18.76 -2.05
CA SER B 89 19.67 17.82 -1.05
C SER B 89 20.00 18.54 0.26
N TYR B 90 20.62 19.72 0.17
CA TYR B 90 21.07 20.40 1.38
C TYR B 90 19.92 21.11 2.10
N THR B 91 19.09 21.85 1.36
CA THR B 91 18.04 22.66 1.96
C THR B 91 16.67 21.98 1.94
N THR B 92 16.52 20.86 1.25
CA THR B 92 15.27 20.13 1.13
C THR B 92 14.17 20.94 0.44
N ASN B 93 14.53 22.06 -0.18
CA ASN B 93 13.53 22.90 -0.84
C ASN B 93 13.26 22.38 -2.24
N LYS B 94 11.98 22.29 -2.61
CA LYS B 94 11.59 21.82 -3.92
C LYS B 94 11.91 22.87 -4.97
N VAL B 95 12.65 22.48 -6.01
CA VAL B 95 13.03 23.42 -7.06
C VAL B 95 11.93 23.50 -8.11
N HIS B 96 11.55 22.36 -8.68
CA HIS B 96 10.52 22.30 -9.72
C HIS B 96 9.54 21.18 -9.41
N ALA B 97 8.30 21.35 -9.87
CA ALA B 97 7.24 20.37 -9.70
C ALA B 97 6.55 20.21 -11.06
N ILE B 98 7.04 19.26 -11.85
CA ILE B 98 6.55 19.03 -13.20
C ILE B 98 5.31 18.12 -13.10
N PRO B 99 4.13 18.57 -13.52
CA PRO B 99 2.99 17.66 -13.61
C PRO B 99 3.09 16.78 -14.86
N LEU B 100 3.09 15.47 -14.64
CA LEU B 100 3.28 14.52 -15.73
C LEU B 100 1.95 14.20 -16.40
N ARG B 101 1.94 14.22 -17.73
CA ARG B 101 0.73 13.88 -18.47
C ARG B 101 0.29 12.45 -18.18
N SER B 102 1.25 11.55 -17.94
CA SER B 102 0.96 10.17 -17.57
C SER B 102 1.10 10.02 -16.06
N SER B 103 0.00 9.66 -15.40
CA SER B 103 0.03 9.57 -13.94
C SER B 103 0.93 8.44 -13.48
N TRP B 104 0.86 7.27 -14.12
CA TRP B 104 1.60 6.09 -13.69
C TRP B 104 3.04 6.13 -14.21
N VAL B 105 3.80 7.09 -13.68
CA VAL B 105 5.22 7.20 -14.02
C VAL B 105 6.00 6.15 -13.25
N MET B 106 6.97 5.53 -13.93
CA MET B 106 7.77 4.46 -13.33
C MET B 106 9.27 4.67 -13.48
N THR B 107 9.71 5.76 -14.11
CA THR B 107 11.13 5.99 -14.31
C THR B 107 11.40 7.49 -14.37
N CYS B 108 12.64 7.86 -14.06
CA CYS B 108 13.08 9.24 -14.15
C CYS B 108 14.61 9.24 -14.28
N ALA B 109 15.12 10.26 -14.99
CA ALA B 109 16.56 10.37 -15.23
C ALA B 109 16.95 11.83 -15.22
N TYR B 110 17.99 12.16 -14.46
CA TYR B 110 18.53 13.51 -14.38
C TYR B 110 19.78 13.59 -15.25
N ALA B 111 19.73 14.46 -16.26
CA ALA B 111 20.84 14.57 -17.19
C ALA B 111 22.11 14.98 -16.45
N PRO B 112 23.29 14.59 -16.95
CA PRO B 112 24.53 15.00 -16.28
C PRO B 112 24.66 16.51 -16.11
N SER B 113 24.38 17.28 -17.14
CA SER B 113 24.44 18.72 -17.06
C SER B 113 23.24 19.33 -16.34
N GLY B 114 22.18 18.57 -16.12
CA GLY B 114 21.00 19.08 -15.46
C GLY B 114 20.09 19.91 -16.34
N ASN B 115 20.33 19.95 -17.64
CA ASN B 115 19.50 20.75 -18.54
C ASN B 115 18.22 20.03 -18.95
N TYR B 116 18.18 18.71 -18.89
CA TYR B 116 17.02 17.94 -19.31
C TYR B 116 16.75 16.82 -18.33
N VAL B 117 15.49 16.42 -18.25
CA VAL B 117 15.06 15.33 -17.37
C VAL B 117 14.04 14.49 -18.12
N ALA B 118 14.26 13.18 -18.14
CA ALA B 118 13.39 12.24 -18.84
C ALA B 118 12.52 11.49 -17.85
N CYS B 119 11.33 11.09 -18.30
CA CYS B 119 10.44 10.32 -17.45
C CYS B 119 9.39 9.63 -18.32
N GLY B 120 9.00 8.43 -17.91
CA GLY B 120 8.01 7.67 -18.64
C GLY B 120 7.34 6.67 -17.73
N GLY B 121 6.46 5.86 -18.33
CA GLY B 121 5.76 4.84 -17.57
C GLY B 121 4.82 3.99 -18.41
N LEU B 122 3.65 3.66 -17.87
CA LEU B 122 2.70 2.82 -18.58
C LEU B 122 2.24 3.45 -19.89
N ASP B 123 2.39 4.76 -20.05
CA ASP B 123 1.97 5.42 -21.28
C ASP B 123 2.80 5.00 -22.49
N ASN B 124 3.90 4.29 -22.30
CA ASN B 124 4.77 3.87 -23.39
C ASN B 124 5.38 5.06 -24.12
N ILE B 125 5.49 6.20 -23.42
CA ILE B 125 6.03 7.42 -23.99
C ILE B 125 7.03 7.99 -22.99
N CYS B 126 8.23 8.33 -23.46
CA CYS B 126 9.26 8.95 -22.64
C CYS B 126 9.26 10.44 -22.96
N SER B 127 8.82 11.23 -21.98
CA SER B 127 8.79 12.68 -22.14
C SER B 127 10.04 13.30 -21.55
N ILE B 128 10.56 14.32 -22.24
CA ILE B 128 11.73 15.08 -21.82
C ILE B 128 11.26 16.47 -21.42
N TYR B 129 11.86 17.00 -20.36
CA TYR B 129 11.53 18.32 -19.84
C TYR B 129 12.81 19.12 -19.66
N ASN B 130 12.81 20.36 -20.15
CA ASN B 130 13.95 21.25 -20.04
C ASN B 130 13.79 22.11 -18.78
N LEU B 131 14.74 22.00 -17.86
CA LEU B 131 14.66 22.73 -16.60
C LEU B 131 15.21 24.15 -16.69
N LYS B 132 15.97 24.46 -17.72
CA LYS B 132 16.63 25.75 -17.87
C LYS B 132 16.17 26.47 -19.13
N THR B 133 14.87 26.46 -19.39
CA THR B 133 14.34 27.18 -20.53
C THR B 133 14.53 28.68 -20.36
N ARG B 134 14.65 29.38 -21.49
CA ARG B 134 14.84 30.83 -21.44
C ARG B 134 13.68 31.52 -20.73
N GLU B 135 12.47 30.95 -20.82
CA GLU B 135 11.32 31.53 -20.15
C GLU B 135 11.32 31.29 -18.65
N GLY B 136 12.09 30.29 -18.17
CA GLY B 136 12.16 29.96 -16.78
C GLY B 136 11.26 28.82 -16.35
N ASN B 137 10.24 28.50 -17.14
CA ASN B 137 9.32 27.42 -16.83
C ASN B 137 9.81 26.11 -17.45
N VAL B 138 9.27 25.01 -16.96
CA VAL B 138 9.61 23.67 -17.43
C VAL B 138 8.53 23.23 -18.42
N ARG B 139 8.96 22.81 -19.61
CA ARG B 139 8.05 22.43 -20.68
C ARG B 139 8.54 21.15 -21.33
N VAL B 140 7.60 20.41 -21.92
CA VAL B 140 7.95 19.18 -22.62
C VAL B 140 8.86 19.51 -23.79
N SER B 141 10.02 18.84 -23.83
CA SER B 141 11.00 19.07 -24.88
C SER B 141 10.86 18.08 -26.03
N ARG B 142 10.63 16.80 -25.72
CA ARG B 142 10.52 15.76 -26.74
C ARG B 142 9.68 14.62 -26.19
N GLU B 143 9.06 13.87 -27.09
CA GLU B 143 8.24 12.72 -26.74
C GLU B 143 8.68 11.52 -27.56
N LEU B 144 9.17 10.48 -26.89
CA LEU B 144 9.62 9.25 -27.52
C LEU B 144 8.51 8.21 -27.34
N ALA B 145 7.69 8.04 -28.37
CA ALA B 145 6.54 7.16 -28.33
C ALA B 145 6.70 5.94 -29.25
N GLY B 146 7.94 5.52 -29.49
CA GLY B 146 8.18 4.37 -30.34
C GLY B 146 8.10 3.03 -29.63
N HIS B 147 8.16 3.03 -28.31
CA HIS B 147 8.09 1.79 -27.55
C HIS B 147 6.67 1.22 -27.55
N THR B 148 6.58 -0.10 -27.40
CA THR B 148 5.31 -0.80 -27.32
C THR B 148 5.03 -1.34 -25.92
N GLY B 149 5.76 -0.85 -24.91
CA GLY B 149 5.58 -1.31 -23.55
C GLY B 149 5.86 -0.19 -22.57
N TYR B 150 5.60 -0.48 -21.30
CA TYR B 150 5.78 0.51 -20.26
C TYR B 150 7.27 0.79 -20.04
N LEU B 151 7.61 2.07 -19.88
CA LEU B 151 8.98 2.46 -19.60
C LEU B 151 9.33 2.14 -18.15
N SER B 152 10.33 1.28 -17.96
CA SER B 152 10.72 0.84 -16.63
C SER B 152 11.87 1.66 -16.06
N CYS B 153 12.87 1.97 -16.88
CA CYS B 153 14.03 2.73 -16.42
C CYS B 153 14.64 3.48 -17.60
N CYS B 154 15.31 4.59 -17.28
CA CYS B 154 15.97 5.41 -18.29
C CYS B 154 17.16 6.12 -17.66
N ARG B 155 18.17 6.36 -18.48
CA ARG B 155 19.38 7.04 -18.03
C ARG B 155 19.94 7.86 -19.18
N PHE B 156 20.55 8.99 -18.84
CA PHE B 156 21.10 9.89 -19.85
C PHE B 156 22.56 9.56 -20.14
N LEU B 157 22.88 9.43 -21.42
CA LEU B 157 24.28 9.32 -21.83
C LEU B 157 24.91 10.69 -22.00
N ASP B 158 24.14 11.65 -22.51
CA ASP B 158 24.58 13.02 -22.71
C ASP B 158 23.34 13.87 -22.91
N ASP B 159 23.54 15.16 -23.26
CA ASP B 159 22.42 16.07 -23.45
C ASP B 159 21.60 15.75 -24.69
N ASN B 160 22.04 14.81 -25.52
CA ASN B 160 21.34 14.48 -26.77
C ASN B 160 21.00 13.00 -26.91
N GLN B 161 21.73 12.10 -26.28
CA GLN B 161 21.50 10.67 -26.38
C GLN B 161 20.97 10.15 -25.05
N ILE B 162 19.99 9.24 -25.12
CA ILE B 162 19.36 8.70 -23.91
C ILE B 162 19.01 7.23 -24.15
N VAL B 163 19.33 6.39 -23.16
CA VAL B 163 18.98 4.98 -23.21
C VAL B 163 17.71 4.77 -22.40
N THR B 164 16.79 3.97 -22.93
CA THR B 164 15.51 3.71 -22.29
C THR B 164 15.19 2.22 -22.36
N SER B 165 14.61 1.71 -21.27
CA SER B 165 14.16 0.33 -21.18
C SER B 165 12.64 0.31 -21.10
N SER B 166 12.02 -0.52 -21.95
CA SER B 166 10.56 -0.58 -22.03
C SER B 166 10.12 -2.03 -21.83
N GLY B 167 8.83 -2.18 -21.55
CA GLY B 167 8.25 -3.51 -21.35
C GLY B 167 8.23 -4.38 -22.59
N ASP B 168 8.60 -3.83 -23.75
CA ASP B 168 8.64 -4.60 -24.99
C ASP B 168 9.79 -5.59 -25.06
N THR B 169 10.56 -5.77 -23.99
CA THR B 169 11.68 -6.71 -23.93
C THR B 169 12.86 -6.28 -24.79
N THR B 170 12.94 -5.00 -25.15
CA THR B 170 14.02 -4.47 -25.96
C THR B 170 14.32 -3.05 -25.52
N CYS B 171 15.60 -2.72 -25.41
CA CYS B 171 16.02 -1.38 -25.03
C CYS B 171 16.18 -0.52 -26.28
N ALA B 172 16.23 0.80 -26.07
CA ALA B 172 16.31 1.73 -27.19
C ALA B 172 17.18 2.92 -26.82
N LEU B 173 18.16 3.21 -27.67
CA LEU B 173 18.98 4.41 -27.59
C LEU B 173 18.41 5.45 -28.55
N TRP B 174 17.95 6.56 -27.98
CA TRP B 174 17.30 7.63 -28.74
C TRP B 174 18.20 8.85 -28.80
N ASP B 175 18.10 9.58 -29.91
CA ASP B 175 18.72 10.88 -30.08
C ASP B 175 17.66 11.94 -29.79
N ILE B 176 17.80 12.62 -28.65
CA ILE B 176 16.78 13.55 -28.20
C ILE B 176 16.53 14.63 -29.25
N GLU B 177 17.55 15.00 -30.03
CA GLU B 177 17.39 16.05 -31.02
C GLU B 177 16.36 15.65 -32.08
N THR B 178 16.51 14.45 -32.65
CA THR B 178 15.60 13.99 -33.68
C THR B 178 14.39 13.26 -33.13
N GLY B 179 14.46 12.74 -31.91
CA GLY B 179 13.34 12.02 -31.32
C GLY B 179 13.02 10.72 -32.02
N GLN B 180 14.05 9.95 -32.39
CA GLN B 180 13.88 8.68 -33.07
C GLN B 180 14.81 7.65 -32.45
N GLN B 181 14.50 6.38 -32.68
CA GLN B 181 15.31 5.28 -32.16
C GLN B 181 16.62 5.22 -32.92
N THR B 182 17.68 5.77 -32.31
CA THR B 182 18.99 5.70 -32.94
C THR B 182 19.50 4.27 -32.99
N THR B 183 19.17 3.46 -31.97
CA THR B 183 19.59 2.07 -31.93
C THR B 183 18.58 1.27 -31.12
N THR B 184 18.39 0.01 -31.50
CA THR B 184 17.48 -0.90 -30.81
C THR B 184 18.25 -2.14 -30.35
N PHE B 185 18.12 -2.48 -29.07
CA PHE B 185 18.78 -3.63 -28.47
C PHE B 185 17.73 -4.70 -28.21
N THR B 186 17.81 -5.80 -28.95
CA THR B 186 16.87 -6.91 -28.83
C THR B 186 17.60 -8.17 -28.43
N GLY B 187 16.87 -9.09 -27.80
CA GLY B 187 17.45 -10.34 -27.34
C GLY B 187 16.91 -10.79 -26.00
N HIS B 188 16.42 -9.84 -25.20
CA HIS B 188 15.85 -10.18 -23.90
C HIS B 188 14.55 -10.95 -24.08
N THR B 189 14.31 -11.91 -23.19
CA THR B 189 13.10 -12.71 -23.26
C THR B 189 11.93 -12.01 -22.56
N GLY B 190 12.18 -11.43 -21.38
CA GLY B 190 11.16 -10.77 -20.61
C GLY B 190 11.26 -9.25 -20.68
N ASP B 191 10.48 -8.60 -19.83
CA ASP B 191 10.42 -7.14 -19.80
C ASP B 191 11.62 -6.58 -19.04
N VAL B 192 12.31 -5.61 -19.66
CA VAL B 192 13.45 -4.99 -19.01
C VAL B 192 12.97 -4.10 -17.88
N MET B 193 13.67 -4.16 -16.74
CA MET B 193 13.27 -3.45 -15.53
C MET B 193 14.15 -2.25 -15.23
N SER B 194 15.47 -2.45 -15.12
CA SER B 194 16.38 -1.39 -14.71
C SER B 194 17.52 -1.26 -15.72
N LEU B 195 18.15 -0.09 -15.71
CA LEU B 195 19.29 0.21 -16.57
C LEU B 195 20.44 0.71 -15.72
N SER B 196 21.65 0.57 -16.27
CA SER B 196 22.86 1.03 -15.59
C SER B 196 23.88 1.44 -16.64
N LEU B 197 24.35 2.68 -16.56
CA LEU B 197 25.34 3.20 -17.49
C LEU B 197 26.73 3.09 -16.87
N ALA B 198 27.68 2.60 -17.67
CA ALA B 198 29.04 2.47 -17.20
C ALA B 198 29.68 3.84 -17.05
N PRO B 199 30.78 3.94 -16.29
CA PRO B 199 31.44 5.24 -16.13
C PRO B 199 31.81 5.89 -17.46
N ASP B 200 32.24 5.10 -18.44
CA ASP B 200 32.61 5.62 -19.74
C ASP B 200 31.42 5.81 -20.67
N THR B 201 30.22 5.38 -20.27
CA THR B 201 29.02 5.52 -21.07
C THR B 201 29.11 4.74 -22.38
N ARG B 202 29.92 3.69 -22.42
CA ARG B 202 30.08 2.88 -23.63
C ARG B 202 29.34 1.56 -23.56
N LEU B 203 29.09 1.02 -22.37
CA LEU B 203 28.39 -0.24 -22.19
C LEU B 203 27.31 -0.08 -21.14
N PHE B 204 26.27 -0.90 -21.24
CA PHE B 204 25.18 -0.86 -20.27
C PHE B 204 24.60 -2.25 -20.07
N VAL B 205 24.16 -2.53 -18.84
CA VAL B 205 23.59 -3.81 -18.48
C VAL B 205 22.15 -3.60 -18.03
N SER B 206 21.38 -4.69 -18.02
CA SER B 206 19.98 -4.62 -17.64
C SER B 206 19.43 -6.04 -17.49
N GLY B 207 18.49 -6.19 -16.57
CA GLY B 207 17.78 -7.44 -16.37
C GLY B 207 16.40 -7.36 -17.00
N ALA B 208 15.90 -8.52 -17.47
CA ALA B 208 14.66 -8.59 -18.23
C ALA B 208 13.77 -9.71 -17.71
N CYS B 209 13.63 -9.79 -16.39
CA CYS B 209 12.73 -10.76 -15.75
C CYS B 209 12.98 -12.17 -16.26
N ASP B 210 14.22 -12.47 -16.65
CA ASP B 210 14.59 -13.78 -17.18
C ASP B 210 15.74 -14.40 -16.40
N ALA B 211 15.97 -13.94 -15.18
CA ALA B 211 17.04 -14.47 -14.33
C ALA B 211 18.41 -14.37 -15.03
N SER B 212 18.57 -13.36 -15.88
CA SER B 212 19.80 -13.18 -16.63
C SER B 212 19.92 -11.72 -17.05
N ALA B 213 21.15 -11.22 -17.02
CA ALA B 213 21.47 -9.85 -17.43
C ALA B 213 22.26 -9.88 -18.72
N LYS B 214 22.21 -8.78 -19.47
CA LYS B 214 22.91 -8.66 -20.74
C LYS B 214 23.67 -7.35 -20.80
N LEU B 215 24.98 -7.45 -21.05
CA LEU B 215 25.84 -6.30 -21.27
C LEU B 215 25.88 -5.99 -22.76
N TRP B 216 25.39 -4.81 -23.13
CA TRP B 216 25.35 -4.35 -24.51
C TRP B 216 26.29 -3.16 -24.67
N ASP B 217 26.75 -2.95 -25.90
CA ASP B 217 27.58 -1.81 -26.25
C ASP B 217 26.70 -0.73 -26.87
N VAL B 218 26.90 0.52 -26.43
CA VAL B 218 26.08 1.62 -26.93
C VAL B 218 26.36 1.88 -28.40
N ARG B 219 27.64 1.87 -28.79
CA ARG B 219 28.00 2.21 -30.16
C ARG B 219 27.76 1.04 -31.12
N GLU B 220 28.19 -0.16 -30.74
CA GLU B 220 28.05 -1.31 -31.62
C GLU B 220 26.60 -1.77 -31.72
N GLY B 221 25.84 -1.70 -30.63
CA GLY B 221 24.45 -2.07 -30.65
C GLY B 221 24.24 -3.57 -30.71
N MET B 222 24.83 -4.29 -29.77
CA MET B 222 24.69 -5.75 -29.71
C MET B 222 24.96 -6.21 -28.28
N CYS B 223 24.46 -7.40 -27.97
CA CYS B 223 24.67 -8.02 -26.66
C CYS B 223 26.11 -8.51 -26.58
N ARG B 224 26.98 -7.71 -25.94
CA ARG B 224 28.39 -8.09 -25.87
C ARG B 224 28.59 -9.27 -24.93
N GLN B 225 27.84 -9.34 -23.84
CA GLN B 225 27.98 -10.43 -22.88
C GLN B 225 26.63 -10.74 -22.26
N THR B 226 26.53 -11.92 -21.64
CA THR B 226 25.32 -12.36 -20.97
C THR B 226 25.69 -13.13 -19.71
N PHE B 227 24.87 -12.98 -18.68
CA PHE B 227 25.06 -13.65 -17.40
C PHE B 227 23.74 -14.29 -16.97
N THR B 228 23.83 -15.50 -16.43
CA THR B 228 22.67 -16.29 -16.03
C THR B 228 22.84 -16.83 -14.62
N GLY B 229 23.24 -15.94 -13.70
CA GLY B 229 23.46 -16.35 -12.32
C GLY B 229 22.21 -16.38 -11.48
N HIS B 230 21.31 -15.43 -11.71
CA HIS B 230 20.10 -15.32 -10.92
C HIS B 230 19.15 -16.48 -11.21
N GLU B 231 18.10 -16.56 -10.40
CA GLU B 231 17.08 -17.61 -10.52
C GLU B 231 15.67 -17.07 -10.70
N SER B 232 15.46 -15.77 -10.55
CA SER B 232 14.13 -15.18 -10.67
C SER B 232 14.26 -13.86 -11.41
N ASP B 233 13.17 -13.10 -11.46
CA ASP B 233 13.16 -11.84 -12.18
C ASP B 233 14.12 -10.85 -11.54
N ILE B 234 14.87 -10.14 -12.38
CA ILE B 234 15.82 -9.14 -11.93
C ILE B 234 15.15 -7.77 -11.99
N ASN B 235 15.21 -7.04 -10.88
CA ASN B 235 14.56 -5.73 -10.78
C ASN B 235 15.51 -4.58 -10.59
N ALA B 236 16.77 -4.83 -10.19
CA ALA B 236 17.73 -3.77 -9.94
C ALA B 236 19.08 -4.15 -10.53
N ILE B 237 19.84 -3.13 -10.93
CA ILE B 237 21.16 -3.35 -11.51
C ILE B 237 21.92 -2.02 -11.45
N CYS B 238 23.21 -2.11 -11.16
CA CYS B 238 24.05 -0.92 -11.03
C CYS B 238 25.49 -1.31 -11.27
N PHE B 239 26.22 -0.45 -12.00
CA PHE B 239 27.62 -0.73 -12.31
C PHE B 239 28.50 -0.46 -11.10
N PHE B 240 29.58 -1.24 -10.99
CA PHE B 240 30.58 -0.98 -9.97
C PHE B 240 31.34 0.31 -10.32
N PRO B 241 31.73 1.10 -9.32
CA PRO B 241 32.40 2.37 -9.62
C PRO B 241 33.54 2.27 -10.62
N ASN B 242 34.20 1.11 -10.72
CA ASN B 242 35.28 0.95 -11.69
C ASN B 242 34.76 0.66 -13.08
N GLY B 243 33.51 0.19 -13.22
CA GLY B 243 32.93 -0.13 -14.51
C GLY B 243 33.20 -1.53 -14.99
N ASN B 244 33.93 -2.34 -14.24
CA ASN B 244 34.25 -3.70 -14.65
C ASN B 244 33.33 -4.75 -14.04
N ALA B 245 32.47 -4.37 -13.10
CA ALA B 245 31.56 -5.30 -12.46
C ALA B 245 30.24 -4.60 -12.16
N PHE B 246 29.24 -5.39 -11.81
CA PHE B 246 27.92 -4.84 -11.49
C PHE B 246 27.16 -5.85 -10.65
N ALA B 247 26.32 -5.32 -9.75
CA ALA B 247 25.49 -6.14 -8.88
C ALA B 247 24.05 -6.08 -9.35
N THR B 248 23.37 -7.24 -9.33
CA THR B 248 21.99 -7.36 -9.76
C THR B 248 21.15 -7.94 -8.63
N GLY B 249 19.99 -7.35 -8.42
CA GLY B 249 19.04 -7.82 -7.42
C GLY B 249 17.82 -8.44 -8.09
N SER B 250 17.34 -9.55 -7.52
CA SER B 250 16.24 -10.30 -8.08
C SER B 250 15.20 -10.57 -6.99
N ASP B 251 14.02 -11.02 -7.43
CA ASP B 251 12.95 -11.35 -6.49
C ASP B 251 13.30 -12.53 -5.60
N ASP B 252 14.37 -13.25 -5.90
CA ASP B 252 14.78 -14.39 -5.08
C ASP B 252 15.36 -13.97 -3.73
N ALA B 253 15.38 -12.68 -3.41
CA ALA B 253 15.88 -12.17 -2.14
C ALA B 253 17.40 -12.29 -2.05
N THR B 254 18.09 -12.25 -3.18
CA THR B 254 19.54 -12.38 -3.21
C THR B 254 20.11 -11.44 -4.26
N CYS B 255 21.22 -10.78 -3.90
CA CYS B 255 21.98 -9.97 -4.84
C CYS B 255 23.15 -10.78 -5.35
N ARG B 256 23.53 -10.56 -6.60
CA ARG B 256 24.62 -11.31 -7.22
C ARG B 256 25.55 -10.36 -7.97
N LEU B 257 26.86 -10.57 -7.79
CA LEU B 257 27.86 -9.73 -8.44
C LEU B 257 28.39 -10.44 -9.68
N PHE B 258 28.49 -9.71 -10.79
CA PHE B 258 28.98 -10.25 -12.05
C PHE B 258 30.03 -9.30 -12.62
N ASP B 259 31.16 -9.87 -13.04
CA ASP B 259 32.26 -9.13 -13.63
C ASP B 259 32.23 -9.32 -15.15
N LEU B 260 32.41 -8.22 -15.89
CA LEU B 260 32.38 -8.30 -17.34
C LEU B 260 33.53 -9.13 -17.88
N ARG B 261 34.64 -9.18 -17.16
CA ARG B 261 35.81 -9.94 -17.63
C ARG B 261 35.72 -11.40 -17.23
N ALA B 262 35.16 -11.69 -16.05
CA ALA B 262 35.04 -13.07 -15.60
C ALA B 262 33.94 -13.82 -16.32
N ASP B 263 32.90 -13.11 -16.77
CA ASP B 263 31.77 -13.72 -17.48
C ASP B 263 31.00 -14.70 -16.59
N GLN B 264 31.07 -14.53 -15.27
CA GLN B 264 30.35 -15.40 -14.36
C GLN B 264 30.20 -14.69 -13.02
N GLU B 265 29.29 -15.22 -12.21
CA GLU B 265 29.01 -14.61 -10.90
C GLU B 265 30.23 -14.70 -10.00
N LEU B 266 30.56 -13.59 -9.34
CA LEU B 266 31.67 -13.55 -8.41
C LEU B 266 31.26 -13.92 -6.99
N MET B 267 30.11 -13.41 -6.53
CA MET B 267 29.67 -13.67 -5.17
C MET B 267 28.18 -13.35 -5.07
N THR B 268 27.59 -13.78 -3.95
CA THR B 268 26.17 -13.60 -3.69
C THR B 268 25.97 -13.07 -2.28
N TYR B 269 25.06 -12.11 -2.14
CA TYR B 269 24.70 -11.52 -0.86
C TYR B 269 23.25 -11.88 -0.56
N SER B 270 23.03 -12.58 0.55
CA SER B 270 21.69 -13.00 0.93
C SER B 270 21.73 -13.54 2.35
N HIS B 271 20.56 -13.75 2.92
CA HIS B 271 20.42 -14.30 4.27
C HIS B 271 19.14 -15.10 4.36
N ASP B 272 19.11 -16.06 5.28
CA ASP B 272 17.96 -16.94 5.42
C ASP B 272 16.70 -16.14 5.74
N ASN B 273 16.79 -15.25 6.74
CA ASN B 273 15.61 -14.48 7.14
C ASN B 273 15.12 -13.56 6.03
N ILE B 274 15.99 -13.21 5.07
CA ILE B 274 15.62 -12.33 3.97
C ILE B 274 15.03 -13.19 2.86
N ILE B 275 13.71 -13.12 2.71
CA ILE B 275 13.00 -13.91 1.71
C ILE B 275 12.21 -13.07 0.73
N CYS B 276 12.07 -11.76 0.97
CA CYS B 276 11.31 -10.92 0.07
C CYS B 276 12.17 -10.46 -1.11
N GLY B 277 11.50 -9.90 -2.11
CA GLY B 277 12.19 -9.50 -3.33
C GLY B 277 13.03 -8.25 -3.14
N ILE B 278 13.78 -7.93 -4.20
CA ILE B 278 14.66 -6.76 -4.22
C ILE B 278 14.12 -5.78 -5.24
N THR B 279 14.33 -4.49 -4.98
CA THR B 279 13.83 -3.43 -5.85
C THR B 279 14.92 -2.52 -6.40
N SER B 280 15.92 -2.17 -5.59
CA SER B 280 16.97 -1.26 -6.00
C SER B 280 18.31 -1.72 -5.42
N VAL B 281 19.38 -1.46 -6.16
CA VAL B 281 20.74 -1.78 -5.73
C VAL B 281 21.67 -0.70 -6.26
N SER B 282 22.65 -0.32 -5.44
CA SER B 282 23.60 0.71 -5.84
C SER B 282 24.88 0.53 -5.05
N PHE B 283 25.97 1.06 -5.61
CA PHE B 283 27.28 1.02 -5.00
C PHE B 283 27.70 2.41 -4.54
N SER B 284 28.50 2.45 -3.47
CA SER B 284 29.06 3.70 -3.00
C SER B 284 30.16 4.17 -3.97
N LYS B 285 30.78 5.30 -3.63
CA LYS B 285 31.83 5.84 -4.49
C LYS B 285 32.96 4.83 -4.67
N SER B 286 33.38 4.19 -3.58
CA SER B 286 34.46 3.21 -3.66
C SER B 286 33.96 1.82 -4.05
N GLY B 287 32.65 1.56 -3.91
CA GLY B 287 32.10 0.26 -4.22
C GLY B 287 32.24 -0.79 -3.14
N ARG B 288 32.75 -0.42 -1.97
CA ARG B 288 32.91 -1.40 -0.90
C ARG B 288 31.57 -1.78 -0.28
N LEU B 289 30.60 -0.87 -0.28
CA LEU B 289 29.29 -1.09 0.30
C LEU B 289 28.26 -1.23 -0.80
N LEU B 290 27.44 -2.28 -0.72
CA LEU B 290 26.37 -2.53 -1.68
C LEU B 290 25.04 -2.31 -0.94
N LEU B 291 24.34 -1.25 -1.30
CA LEU B 291 23.07 -0.91 -0.66
C LEU B 291 21.93 -1.42 -1.54
N ALA B 292 21.18 -2.38 -1.01
CA ALA B 292 20.09 -3.02 -1.76
C ALA B 292 18.77 -2.78 -1.03
N GLY B 293 17.77 -2.32 -1.78
CA GLY B 293 16.45 -2.10 -1.22
C GLY B 293 15.59 -3.35 -1.31
N TYR B 294 14.98 -3.71 -0.19
CA TYR B 294 14.17 -4.90 -0.08
C TYR B 294 12.72 -4.52 0.23
N ASP B 295 11.81 -5.45 -0.04
CA ASP B 295 10.39 -5.22 0.20
C ASP B 295 10.02 -5.32 1.68
N ASP B 296 10.97 -5.60 2.56
CA ASP B 296 10.71 -5.69 3.99
C ASP B 296 10.69 -4.33 4.68
N PHE B 297 10.61 -3.24 3.92
CA PHE B 297 10.51 -1.86 4.38
C PHE B 297 11.86 -1.31 4.86
N ASN B 298 12.96 -2.02 4.62
CA ASN B 298 14.28 -1.55 5.01
C ASN B 298 15.29 -1.85 3.92
N CYS B 299 16.40 -1.12 3.94
CA CYS B 299 17.48 -1.28 2.97
C CYS B 299 18.69 -1.88 3.66
N ASN B 300 19.28 -2.91 3.03
CA ASN B 300 20.41 -3.62 3.61
C ASN B 300 21.70 -3.17 2.92
N VAL B 301 22.67 -2.74 3.71
CA VAL B 301 24.00 -2.38 3.22
C VAL B 301 24.93 -3.55 3.52
N TRP B 302 25.33 -4.28 2.48
CA TRP B 302 26.21 -5.43 2.60
C TRP B 302 27.64 -5.02 2.28
N ASP B 303 28.60 -5.79 2.78
CA ASP B 303 30.00 -5.57 2.44
C ASP B 303 30.28 -6.20 1.08
N ALA B 304 30.80 -5.39 0.15
CA ALA B 304 31.06 -5.88 -1.20
C ALA B 304 32.11 -6.98 -1.22
N LEU B 305 32.87 -7.15 -0.14
CA LEU B 305 33.94 -8.14 -0.07
C LEU B 305 33.70 -9.23 0.96
N LYS B 306 33.12 -8.91 2.11
CA LYS B 306 32.91 -9.87 3.17
C LYS B 306 31.59 -10.63 3.05
N ALA B 307 30.65 -10.12 2.25
CA ALA B 307 29.36 -10.79 2.05
C ALA B 307 28.57 -10.88 3.36
N ASP B 308 28.63 -9.81 4.16
CA ASP B 308 27.91 -9.74 5.41
C ASP B 308 27.13 -8.43 5.48
N ARG B 309 26.08 -8.45 6.29
CA ARG B 309 25.21 -7.28 6.45
C ARG B 309 25.95 -6.25 7.30
N ALA B 310 26.44 -5.20 6.65
CA ALA B 310 27.17 -4.14 7.35
C ALA B 310 26.25 -3.10 7.97
N GLY B 311 25.02 -2.97 7.49
CA GLY B 311 24.10 -1.99 8.06
C GLY B 311 22.69 -2.22 7.58
N VAL B 312 21.75 -1.60 8.29
CA VAL B 312 20.33 -1.72 8.00
C VAL B 312 19.68 -0.35 8.17
N LEU B 313 18.87 0.05 7.20
CA LEU B 313 18.13 1.31 7.21
C LEU B 313 16.65 0.95 7.25
N ALA B 314 16.07 0.99 8.45
CA ALA B 314 14.67 0.63 8.67
C ALA B 314 13.80 1.85 8.95
N GLY B 315 14.08 2.98 8.30
CA GLY B 315 13.32 4.19 8.51
C GLY B 315 12.03 4.31 7.72
N HIS B 316 11.86 3.49 6.68
CA HIS B 316 10.68 3.55 5.85
C HIS B 316 9.62 2.57 6.36
N ASP B 317 8.35 2.95 6.19
CA ASP B 317 7.23 2.15 6.64
C ASP B 317 6.56 1.36 5.52
N ASN B 318 6.94 1.61 4.27
CA ASN B 318 6.36 0.93 3.11
C ASN B 318 7.48 0.37 2.25
N ARG B 319 7.09 -0.27 1.14
CA ARG B 319 8.07 -0.91 0.26
C ARG B 319 9.07 0.12 -0.25
N VAL B 320 10.33 -0.32 -0.37
CA VAL B 320 11.38 0.52 -0.95
C VAL B 320 11.35 0.36 -2.46
N SER B 321 11.33 1.49 -3.17
CA SER B 321 11.24 1.50 -4.62
C SER B 321 12.55 1.85 -5.30
N CYS B 322 13.30 2.82 -4.78
CA CYS B 322 14.52 3.29 -5.43
C CYS B 322 15.57 3.63 -4.38
N LEU B 323 16.83 3.52 -4.78
CA LEU B 323 17.95 3.85 -3.90
C LEU B 323 19.07 4.42 -4.76
N GLY B 324 19.62 5.56 -4.34
CA GLY B 324 20.65 6.22 -5.11
C GLY B 324 21.76 6.81 -4.26
N VAL B 325 23.01 6.56 -4.65
CA VAL B 325 24.18 7.09 -3.97
C VAL B 325 24.79 8.17 -4.84
N THR B 326 25.11 9.31 -4.23
CA THR B 326 25.72 10.41 -4.96
C THR B 326 27.07 9.98 -5.53
N ASP B 327 27.47 10.64 -6.63
CA ASP B 327 28.75 10.33 -7.24
C ASP B 327 29.89 10.51 -6.26
N ASP B 328 29.80 11.51 -5.38
CA ASP B 328 30.83 11.74 -4.37
C ASP B 328 30.65 10.85 -3.14
N GLY B 329 29.48 10.24 -2.97
CA GLY B 329 29.29 9.29 -1.88
C GLY B 329 29.07 9.91 -0.51
N MET B 330 28.53 11.12 -0.45
CA MET B 330 28.29 11.74 0.86
C MET B 330 27.11 11.10 1.57
N ALA B 331 25.95 11.07 0.90
CA ALA B 331 24.74 10.49 1.47
C ALA B 331 24.04 9.65 0.42
N VAL B 332 23.12 8.80 0.89
CA VAL B 332 22.36 7.91 0.04
C VAL B 332 20.87 8.18 0.24
N ALA B 333 20.15 8.36 -0.85
CA ALA B 333 18.71 8.64 -0.81
C ALA B 333 17.94 7.37 -1.09
N THR B 334 17.03 7.02 -0.18
CA THR B 334 16.21 5.82 -0.29
C THR B 334 14.75 6.23 -0.35
N GLY B 335 14.12 6.00 -1.50
CA GLY B 335 12.70 6.28 -1.64
C GLY B 335 11.87 5.04 -1.41
N SER B 336 10.63 5.25 -0.96
CA SER B 336 9.72 4.16 -0.65
C SER B 336 8.31 4.56 -1.06
N TRP B 337 7.42 3.57 -1.04
CA TRP B 337 6.02 3.82 -1.41
C TRP B 337 5.29 4.68 -0.39
N ASP B 338 5.92 5.01 0.74
CA ASP B 338 5.29 5.87 1.73
C ASP B 338 5.22 7.33 1.29
N SER B 339 5.76 7.67 0.13
CA SER B 339 5.75 9.02 -0.41
C SER B 339 6.73 9.94 0.31
N PHE B 340 7.75 9.39 0.97
CA PHE B 340 8.75 10.17 1.67
C PHE B 340 10.14 9.69 1.26
N LEU B 341 11.02 10.65 0.95
CA LEU B 341 12.39 10.37 0.57
C LEU B 341 13.30 10.67 1.75
N LYS B 342 14.11 9.69 2.15
CA LYS B 342 15.01 9.83 3.28
C LYS B 342 16.45 9.78 2.77
N ILE B 343 17.24 10.81 3.13
CA ILE B 343 18.65 10.89 2.79
C ILE B 343 19.45 10.51 4.03
N TRP B 344 20.11 9.37 3.99
CA TRP B 344 20.88 8.85 5.10
C TRP B 344 22.36 9.16 4.91
N ASN B 345 23.04 9.41 6.02
CA ASN B 345 24.47 9.70 6.00
C ASN B 345 25.10 9.33 7.35
N SER C 131 -35.26 32.75 53.90
CA SER C 131 -34.07 31.97 54.17
C SER C 131 -33.30 31.71 52.88
N PRO C 132 -31.97 31.72 52.90
CA PRO C 132 -31.21 31.50 51.67
C PRO C 132 -31.34 30.06 51.18
N PHE C 133 -31.66 29.93 49.89
CA PHE C 133 -31.76 28.59 49.30
C PHE C 133 -30.45 27.83 49.44
N TYR C 134 -29.34 28.47 49.04
CA TYR C 134 -28.01 27.87 49.19
C TYR C 134 -27.56 28.11 50.63
N ARG C 135 -28.02 27.24 51.53
CA ARG C 135 -27.69 27.39 52.95
C ARG C 135 -26.19 27.50 53.17
N CYS C 136 -25.40 26.77 52.39
CA CYS C 136 -23.96 26.78 52.51
C CYS C 136 -23.29 27.81 51.62
N GLN C 137 -24.01 28.85 51.22
CA GLN C 137 -23.42 29.90 50.39
C GLN C 137 -22.31 30.63 51.14
N ASN C 138 -22.50 30.86 52.45
CA ASN C 138 -21.54 31.59 53.26
C ASN C 138 -20.96 30.75 54.39
N THR C 139 -21.31 29.47 54.49
CA THR C 139 -20.77 28.63 55.55
C THR C 139 -19.28 28.42 55.38
N THR C 140 -18.56 28.45 56.49
CA THR C 140 -17.11 28.31 56.47
C THR C 140 -16.64 26.87 56.67
N SER C 141 -17.46 26.01 57.28
CA SER C 141 -17.10 24.64 57.56
C SER C 141 -17.92 23.68 56.69
N VAL C 142 -17.32 22.55 56.36
CA VAL C 142 -18.00 21.53 55.57
C VAL C 142 -19.04 20.84 56.43
N GLU C 143 -20.30 20.87 55.99
CA GLU C 143 -21.37 20.27 56.75
C GLU C 143 -21.14 18.76 56.91
N LYS C 144 -21.77 18.20 57.94
CA LYS C 144 -21.69 16.77 58.21
C LYS C 144 -22.79 15.94 57.54
N GLY C 145 -22.60 14.62 57.57
CA GLY C 145 -23.52 13.69 56.94
C GLY C 145 -23.05 13.14 55.62
N ASN C 146 -21.90 13.58 55.11
CA ASN C 146 -21.35 13.08 53.85
C ASN C 146 -19.83 12.99 53.99
N SER C 147 -19.22 12.30 53.03
CA SER C 147 -17.78 12.07 53.05
C SER C 147 -17.27 12.21 51.62
N ALA C 148 -15.96 11.97 51.45
CA ALA C 148 -15.31 12.08 50.15
C ALA C 148 -15.20 10.74 49.43
N VAL C 149 -15.71 9.65 50.01
CA VAL C 149 -15.61 8.35 49.37
C VAL C 149 -16.31 8.36 48.02
N MET C 150 -17.48 9.00 47.95
CA MET C 150 -18.22 9.07 46.69
C MET C 150 -17.38 9.75 45.62
N GLY C 151 -16.88 10.96 45.91
CA GLY C 151 -16.01 11.64 44.96
C GLY C 151 -14.68 10.95 44.79
N GLY C 152 -14.17 10.33 45.85
CA GLY C 152 -12.89 9.64 45.76
C GLY C 152 -12.90 8.50 44.77
N VAL C 153 -13.96 7.68 44.79
CA VAL C 153 -14.06 6.57 43.86
C VAL C 153 -14.20 7.09 42.43
N LEU C 154 -15.06 8.10 42.24
CA LEU C 154 -15.23 8.69 40.92
C LEU C 154 -13.94 9.28 40.37
N PHE C 155 -13.08 9.81 41.25
CA PHE C 155 -11.80 10.35 40.82
C PHE C 155 -10.80 9.23 40.51
N SER C 156 -10.73 8.23 41.38
CA SER C 156 -9.76 7.14 41.18
C SER C 156 -10.05 6.35 39.91
N THR C 157 -11.32 5.97 39.71
CA THR C 157 -11.67 5.21 38.51
C THR C 157 -11.37 6.01 37.25
N GLY C 158 -11.77 7.28 37.22
CA GLY C 158 -11.51 8.10 36.05
C GLY C 158 -10.03 8.31 35.80
N LEU C 159 -9.25 8.50 36.87
CA LEU C 159 -7.81 8.67 36.71
C LEU C 159 -7.18 7.41 36.13
N LEU C 160 -7.54 6.25 36.67
CA LEU C 160 -7.02 5.00 36.13
C LEU C 160 -7.41 4.82 34.67
N GLY C 161 -8.66 5.12 34.33
CA GLY C 161 -9.10 4.99 32.95
C GLY C 161 -8.31 5.89 32.01
N ASN C 162 -8.18 7.17 32.39
CA ASN C 162 -7.45 8.11 31.53
C ASN C 162 -5.98 7.74 31.44
N LEU C 163 -5.40 7.22 32.52
CA LEU C 163 -4.00 6.81 32.48
C LEU C 163 -3.80 5.63 31.53
N LEU C 164 -4.68 4.64 31.61
CA LEU C 164 -4.60 3.52 30.68
C LEU C 164 -4.80 3.98 29.23
N ALA C 165 -5.74 4.89 29.01
CA ALA C 165 -5.99 5.40 27.67
C ALA C 165 -4.76 6.10 27.12
N LEU C 166 -4.17 7.00 27.91
CA LEU C 166 -2.98 7.72 27.45
C LEU C 166 -1.80 6.78 27.26
N GLY C 167 -1.68 5.75 28.09
CA GLY C 167 -0.62 4.78 27.90
C GLY C 167 -0.76 4.02 26.61
N LEU C 168 -2.00 3.59 26.29
CA LEU C 168 -2.22 2.93 25.01
C LEU C 168 -1.95 3.86 23.84
N LEU C 169 -2.38 5.12 23.95
CA LEU C 169 -2.11 6.09 22.88
C LEU C 169 -0.62 6.31 22.70
N ALA C 170 0.13 6.38 23.80
CA ALA C 170 1.58 6.56 23.69
C ALA C 170 2.24 5.33 23.07
N ARG C 171 1.82 4.13 23.48
CA ARG C 171 2.35 2.93 22.85
C ARG C 171 2.06 2.90 21.36
N SER C 172 0.87 3.37 20.95
CA SER C 172 0.54 3.41 19.53
C SER C 172 1.39 4.44 18.80
N GLY C 173 1.60 5.61 19.41
CA GLY C 173 2.36 6.65 18.76
C GLY C 173 3.85 6.35 18.65
N LEU C 174 4.40 5.62 19.63
CA LEU C 174 5.82 5.29 19.60
C LEU C 174 6.14 4.39 18.42
N GLY C 175 5.39 3.30 18.25
CA GLY C 175 5.62 2.38 17.15
C GLY C 175 5.41 3.01 15.80
N PRO C 184 1.06 2.06 14.62
CA PRO C 184 0.01 2.59 13.74
C PRO C 184 0.34 3.97 13.18
N LEU C 185 -0.64 4.63 12.59
CA LEU C 185 -0.45 5.95 12.00
C LEU C 185 -1.51 6.91 12.53
N PRO C 186 -1.25 8.22 12.50
CA PRO C 186 -2.22 9.17 13.02
C PRO C 186 -3.45 9.28 12.13
N SER C 187 -4.57 9.66 12.75
CA SER C 187 -5.83 9.82 12.05
C SER C 187 -6.68 10.84 12.78
N VAL C 188 -7.73 11.30 12.10
CA VAL C 188 -8.62 12.30 12.68
C VAL C 188 -9.23 11.76 13.97
N PHE C 189 -9.81 10.57 13.92
CA PHE C 189 -10.43 9.98 15.11
C PHE C 189 -9.40 9.79 16.21
N TYR C 190 -8.17 9.41 15.84
CA TYR C 190 -7.12 9.24 16.84
C TYR C 190 -6.87 10.54 17.60
N MET C 191 -6.68 11.64 16.87
CA MET C 191 -6.39 12.92 17.52
C MET C 191 -7.60 13.39 18.32
N LEU C 192 -8.81 13.17 17.82
CA LEU C 192 -10.00 13.57 18.56
C LEU C 192 -10.10 12.82 19.88
N VAL C 193 -9.87 11.51 19.86
CA VAL C 193 -9.94 10.73 21.09
C VAL C 193 -8.83 11.14 22.05
N CYS C 194 -7.64 11.42 21.50
CA CYS C 194 -6.54 11.88 22.35
C CYS C 194 -6.89 13.19 23.04
N GLY C 195 -7.47 14.14 22.29
CA GLY C 195 -7.87 15.39 22.89
C GLY C 195 -8.96 15.21 23.94
N LEU C 196 -9.92 14.33 23.66
CA LEU C 196 -10.97 14.07 24.64
C LEU C 196 -10.38 13.51 25.94
N THR C 197 -9.49 12.52 25.81
CA THR C 197 -8.87 11.94 27.00
C THR C 197 -8.04 12.97 27.76
N VAL C 198 -7.30 13.81 27.04
CA VAL C 198 -6.49 14.84 27.69
C VAL C 198 -7.38 15.81 28.45
N THR C 199 -8.49 16.24 27.82
CA THR C 199 -9.40 17.15 28.48
C THR C 199 -10.00 16.52 29.74
N ASP C 200 -10.42 15.26 29.64
CA ASP C 200 -10.99 14.59 30.81
C ASP C 200 -9.98 14.47 31.94
N LEU C 201 -8.75 14.08 31.62
CA LEU C 201 -7.72 13.93 32.64
C LEU C 201 -7.40 15.28 33.29
N LEU C 202 -7.46 16.35 32.57
CA LEU C 202 -7.21 17.60 33.21
C LEU C 202 -8.33 18.04 34.06
N GLY C 203 -9.38 17.30 34.14
CA GLY C 203 -10.54 17.79 34.83
C GLY C 203 -10.90 16.91 35.92
N LYS C 204 -10.26 15.78 35.99
CA LYS C 204 -10.46 14.88 37.06
C LYS C 204 -9.39 15.36 37.99
N CYS C 205 -8.36 15.99 37.48
CA CYS C 205 -7.22 16.41 38.23
C CYS C 205 -7.28 17.81 38.71
N LEU C 206 -7.70 18.78 37.93
CA LEU C 206 -7.89 20.14 38.43
C LEU C 206 -9.04 20.24 39.41
N LEU C 207 -10.03 19.35 39.29
CA LEU C 207 -11.23 19.43 40.11
C LEU C 207 -11.17 18.56 41.36
N SER C 208 -10.84 17.28 41.23
CA SER C 208 -10.97 16.37 42.37
C SER C 208 -10.06 16.73 43.53
N PRO C 209 -8.77 17.05 43.32
CA PRO C 209 -7.91 17.34 44.48
C PRO C 209 -8.45 18.45 45.38
N VAL C 210 -9.05 19.48 44.79
CA VAL C 210 -9.61 20.56 45.60
C VAL C 210 -10.75 20.05 46.47
N VAL C 211 -11.65 19.25 45.88
CA VAL C 211 -12.77 18.72 46.64
C VAL C 211 -12.28 17.80 47.75
N LEU C 212 -11.22 17.03 47.48
CA LEU C 212 -10.69 16.14 48.51
C LEU C 212 -10.02 16.92 49.63
N ALA C 213 -9.25 17.96 49.29
CA ALA C 213 -8.63 18.78 50.33
C ALA C 213 -9.68 19.50 51.16
N ALA C 214 -10.80 19.87 50.55
CA ALA C 214 -11.89 20.49 51.30
C ALA C 214 -12.31 19.61 52.46
N TYR C 215 -12.52 18.32 52.20
CA TYR C 215 -12.90 17.40 53.28
C TYR C 215 -11.73 17.13 54.21
N ALA C 216 -10.52 17.06 53.66
CA ALA C 216 -9.36 16.71 54.47
C ALA C 216 -9.13 17.72 55.58
N GLN C 217 -9.38 19.00 55.30
CA GLN C 217 -9.16 20.08 56.28
C GLN C 217 -10.49 20.60 56.83
N ASN C 218 -11.60 19.98 56.43
CA ASN C 218 -12.92 20.40 56.88
C ASN C 218 -13.10 21.90 56.69
N ARG C 219 -12.97 22.37 55.46
CA ARG C 219 -13.11 23.79 55.16
C ARG C 219 -13.66 23.93 53.75
N SER C 220 -14.63 24.82 53.59
CA SER C 220 -15.24 25.04 52.28
C SER C 220 -14.23 25.70 51.35
N LEU C 221 -14.59 25.74 50.05
CA LEU C 221 -13.70 26.32 49.06
C LEU C 221 -13.45 27.80 49.31
N ARG C 222 -14.43 28.51 49.87
CA ARG C 222 -14.26 29.93 50.14
C ARG C 222 -13.24 30.17 51.25
N VAL C 223 -12.90 29.15 52.04
CA VAL C 223 -11.92 29.27 53.10
C VAL C 223 -10.88 28.16 53.07
N LEU C 224 -10.96 27.24 52.11
CA LEU C 224 -9.97 26.16 52.04
C LEU C 224 -8.56 26.71 51.83
N ALA C 225 -8.44 27.89 51.21
CA ALA C 225 -7.16 28.53 50.96
C ALA C 225 -7.22 29.96 51.49
N PRO C 226 -6.79 30.20 52.73
CA PRO C 226 -6.88 31.55 53.29
C PRO C 226 -6.09 32.59 52.51
N ALA C 227 -5.08 32.18 51.74
CA ALA C 227 -4.37 33.11 50.88
C ALA C 227 -5.33 33.82 49.93
N LEU C 228 -6.26 33.07 49.35
CA LEU C 228 -7.27 33.64 48.47
C LEU C 228 -8.40 34.25 49.29
N ASP C 229 -9.24 35.06 48.65
CA ASP C 229 -10.36 35.70 49.35
C ASP C 229 -11.69 35.17 48.81
N ASN C 230 -11.88 35.24 47.50
CA ASN C 230 -13.10 34.74 46.86
C ASN C 230 -12.75 33.92 45.63
N SER C 231 -11.56 33.32 45.62
CA SER C 231 -11.15 32.47 44.50
C SER C 231 -11.21 31.01 44.93
N LEU C 232 -11.02 30.10 43.97
CA LEU C 232 -11.15 28.67 44.20
C LEU C 232 -12.60 28.30 44.50
N CYS C 233 -13.50 29.27 44.37
CA CYS C 233 -14.89 28.98 44.45
C CYS C 233 -15.48 29.34 43.12
N GLN C 234 -15.19 30.50 42.60
CA GLN C 234 -15.70 30.96 41.35
C GLN C 234 -14.86 30.40 40.19
N ALA C 235 -13.62 30.12 40.39
CA ALA C 235 -12.74 29.48 39.41
C ALA C 235 -13.00 27.98 39.34
N PHE C 236 -13.37 27.37 40.48
CA PHE C 236 -13.68 25.94 40.48
C PHE C 236 -14.86 25.65 39.56
N ALA C 237 -15.97 26.39 39.73
CA ALA C 237 -17.11 26.23 38.85
C ALA C 237 -16.78 26.61 37.42
N PHE C 238 -15.93 27.63 37.24
CA PHE C 238 -15.50 27.98 35.89
C PHE C 238 -14.85 26.79 35.20
N PHE C 239 -13.88 26.17 35.86
CA PHE C 239 -13.20 25.02 35.26
C PHE C 239 -14.16 23.85 35.07
N MET C 240 -15.04 23.61 36.04
CA MET C 240 -16.00 22.51 35.90
C MET C 240 -16.87 22.69 34.66
N SER C 241 -17.47 23.88 34.51
CA SER C 241 -18.31 24.12 33.34
C SER C 241 -17.50 24.09 32.05
N PHE C 242 -16.29 24.65 32.06
CA PHE C 242 -15.46 24.61 30.86
C PHE C 242 -15.20 23.17 30.43
N PHE C 243 -14.76 22.33 31.36
CA PHE C 243 -14.46 20.95 31.01
C PHE C 243 -15.71 20.17 30.60
N GLY C 244 -16.84 20.40 31.26
CA GLY C 244 -18.06 19.74 30.84
C GLY C 244 -18.46 20.11 29.43
N LEU C 245 -18.50 21.41 29.14
CA LEU C 245 -18.88 21.86 27.81
C LEU C 245 -17.89 21.39 26.75
N SER C 246 -16.60 21.36 27.09
CA SER C 246 -15.60 20.92 26.12
C SER C 246 -15.74 19.43 25.85
N SER C 247 -15.98 18.62 26.89
CA SER C 247 -16.21 17.20 26.69
C SER C 247 -17.43 16.97 25.81
N THR C 248 -18.52 17.70 26.08
CA THR C 248 -19.72 17.56 25.26
C THR C 248 -19.44 17.94 23.81
N LEU C 249 -18.74 19.05 23.58
CA LEU C 249 -18.45 19.50 22.23
C LEU C 249 -17.56 18.50 21.50
N GLN C 250 -16.58 17.93 22.20
CA GLN C 250 -15.69 16.96 21.56
C GLN C 250 -16.41 15.66 21.25
N LEU C 251 -17.30 15.23 22.13
CA LEU C 251 -18.12 14.05 21.83
C LEU C 251 -19.01 14.30 20.62
N LEU C 252 -19.62 15.49 20.55
CA LEU C 252 -20.44 15.81 19.38
C LEU C 252 -19.60 15.84 18.11
N ALA C 253 -18.38 16.40 18.20
CA ALA C 253 -17.52 16.47 17.03
C ALA C 253 -17.12 15.06 16.57
N MET C 254 -16.79 14.17 17.51
CA MET C 254 -16.46 12.80 17.14
C MET C 254 -17.65 12.10 16.51
N ALA C 255 -18.85 12.27 17.08
CA ALA C 255 -20.03 11.64 16.51
C ALA C 255 -20.31 12.16 15.11
N LEU C 256 -20.18 13.48 14.90
CA LEU C 256 -20.42 14.04 13.58
C LEU C 256 -19.38 13.57 12.58
N GLU C 257 -18.12 13.45 13.01
CA GLU C 257 -17.08 12.94 12.12
C GLU C 257 -17.37 11.50 11.72
N CYS C 258 -17.75 10.66 12.68
CA CYS C 258 -18.08 9.28 12.35
C CYS C 258 -19.28 9.20 11.42
N TRP C 259 -20.30 10.03 11.66
CA TRP C 259 -21.48 10.03 10.80
C TRP C 259 -21.12 10.45 9.38
N LEU C 260 -20.32 11.51 9.24
CA LEU C 260 -19.92 11.95 7.91
C LEU C 260 -19.05 10.92 7.22
N SER C 261 -18.21 10.20 7.98
CA SER C 261 -17.31 9.22 7.38
C SER C 261 -18.07 8.00 6.91
N LEU C 262 -19.05 7.54 7.69
CA LEU C 262 -19.76 6.30 7.38
C LEU C 262 -20.95 6.51 6.45
N GLY C 263 -21.59 7.67 6.49
CA GLY C 263 -22.75 7.93 5.65
C GLY C 263 -22.43 8.75 4.42
N HIS C 264 -21.39 9.57 4.51
CA HIS C 264 -20.96 10.43 3.40
C HIS C 264 -19.46 10.26 3.19
N PRO C 265 -19.04 9.10 2.70
CA PRO C 265 -17.59 8.88 2.55
C PRO C 265 -16.91 9.89 1.64
N PHE C 266 -17.58 10.31 0.56
CA PHE C 266 -16.97 11.25 -0.36
C PHE C 266 -16.75 12.61 0.30
N PHE C 267 -17.73 13.10 1.06
CA PHE C 267 -17.56 14.36 1.75
C PHE C 267 -16.39 14.29 2.74
N TYR C 268 -16.26 13.17 3.46
CA TYR C 268 -15.16 13.01 4.39
C TYR C 268 -13.82 13.02 3.66
N ARG C 269 -13.72 12.26 2.57
CA ARG C 269 -12.47 12.20 1.82
C ARG C 269 -12.14 13.52 1.13
N ARG C 270 -13.15 14.37 0.88
CA ARG C 270 -12.91 15.63 0.19
C ARG C 270 -12.57 16.77 1.15
N HIS C 271 -13.34 16.94 2.23
CA HIS C 271 -13.21 18.10 3.09
C HIS C 271 -12.53 17.81 4.43
N ILE C 272 -12.17 16.65 4.93
CA ILE C 272 -11.56 16.57 6.36
C ILE C 272 -10.04 16.67 6.85
N THR C 273 -9.38 15.61 6.50
CA THR C 273 -7.98 15.68 6.85
C THR C 273 -7.62 15.77 8.31
N LEU C 274 -6.37 15.53 8.58
CA LEU C 274 -5.97 15.63 9.91
C LEU C 274 -5.80 17.08 10.16
N ARG C 275 -6.55 17.93 9.45
CA ARG C 275 -6.23 19.31 9.77
C ARG C 275 -7.37 19.59 10.56
N LEU C 276 -8.50 19.12 10.11
CA LEU C 276 -9.59 19.52 10.91
C LEU C 276 -9.37 18.78 12.21
N GLY C 277 -8.70 17.65 12.16
CA GLY C 277 -8.68 16.88 13.40
C GLY C 277 -7.74 17.45 14.42
N ALA C 278 -6.96 18.47 14.00
CA ALA C 278 -5.96 19.07 14.88
C ALA C 278 -6.46 20.41 15.43
N LEU C 279 -7.26 21.14 14.66
CA LEU C 279 -7.78 22.42 15.12
C LEU C 279 -9.11 22.30 15.84
N VAL C 280 -9.83 21.18 15.65
CA VAL C 280 -11.11 21.01 16.32
C VAL C 280 -10.96 21.17 17.83
N ALA C 281 -10.03 20.41 18.42
CA ALA C 281 -9.91 20.43 19.89
C ALA C 281 -9.49 21.79 20.41
N PRO C 282 -8.44 22.44 19.88
CA PRO C 282 -8.13 23.80 20.35
C PRO C 282 -9.29 24.78 20.18
N VAL C 283 -9.99 24.72 19.05
CA VAL C 283 -11.12 25.63 18.84
C VAL C 283 -12.23 25.33 19.84
N VAL C 284 -12.49 24.05 20.10
CA VAL C 284 -13.51 23.69 21.07
C VAL C 284 -13.14 24.22 22.45
N SER C 285 -11.87 24.09 22.84
CA SER C 285 -11.43 24.58 24.14
C SER C 285 -11.55 26.09 24.22
N ALA C 286 -11.19 26.79 23.15
CA ALA C 286 -11.29 28.25 23.14
C ALA C 286 -12.75 28.69 23.26
N PHE C 287 -13.65 28.02 22.52
CA PHE C 287 -15.06 28.35 22.61
C PHE C 287 -15.60 28.09 24.00
N SER C 288 -15.19 26.97 24.62
CA SER C 288 -15.63 26.67 25.97
C SER C 288 -15.14 27.73 26.95
N LEU C 289 -13.89 28.14 26.83
CA LEU C 289 -13.37 29.20 27.68
C LEU C 289 -14.16 30.50 27.50
N ALA C 290 -14.39 30.89 26.25
CA ALA C 290 -15.12 32.14 25.99
C ALA C 290 -16.53 32.07 26.55
N PHE C 291 -17.18 30.91 26.45
CA PHE C 291 -18.56 30.80 26.92
C PHE C 291 -18.62 30.76 28.44
N CYS C 292 -17.70 30.05 29.08
CA CYS C 292 -17.70 29.94 30.53
C CYS C 292 -17.08 31.14 31.24
N ALA C 293 -16.46 32.06 30.50
CA ALA C 293 -15.97 33.30 31.09
C ALA C 293 -17.05 34.37 31.20
N LEU C 294 -18.26 34.10 30.72
CA LEU C 294 -19.32 35.11 30.78
C LEU C 294 -19.68 35.50 32.21
N PRO C 295 -19.78 34.58 33.17
CA PRO C 295 -20.13 34.99 34.55
C PRO C 295 -19.21 36.06 35.12
N PHE C 296 -18.02 36.26 34.56
CA PHE C 296 -17.11 37.32 34.99
C PHE C 296 -17.32 38.61 34.20
N MET C 297 -18.51 38.77 33.59
CA MET C 297 -18.80 39.95 32.79
C MET C 297 -20.19 40.50 33.08
N GLY C 298 -20.80 40.14 34.21
CA GLY C 298 -22.13 40.58 34.54
C GLY C 298 -23.25 39.72 33.98
N PHE C 299 -22.95 38.50 33.58
CA PHE C 299 -23.95 37.59 33.00
C PHE C 299 -23.64 36.19 33.52
N GLY C 300 -24.29 35.81 34.62
CA GLY C 300 -24.06 34.54 35.26
C GLY C 300 -23.27 34.66 36.56
N LYS C 301 -23.50 33.71 37.45
CA LYS C 301 -22.86 33.69 38.75
C LYS C 301 -22.56 32.25 39.16
N PHE C 302 -21.63 32.12 40.11
CA PHE C 302 -21.25 30.84 40.69
C PHE C 302 -21.57 30.85 42.17
N VAL C 303 -22.16 29.76 42.67
CA VAL C 303 -22.55 29.66 44.06
C VAL C 303 -22.18 28.27 44.57
N GLN C 304 -22.04 28.16 45.89
CA GLN C 304 -21.69 26.92 46.55
C GLN C 304 -22.93 26.18 46.99
N TYR C 305 -22.80 24.86 47.14
CA TYR C 305 -23.93 23.99 47.47
C TYR C 305 -23.74 23.39 48.87
N CYS C 306 -24.68 22.53 49.26
CA CYS C 306 -24.75 21.98 50.61
C CYS C 306 -23.43 21.33 51.02
N PRO C 307 -22.87 20.41 50.21
CA PRO C 307 -21.60 19.78 50.61
C PRO C 307 -20.48 20.78 50.86
N GLY C 308 -20.56 22.00 50.31
CA GLY C 308 -19.59 23.03 50.57
C GLY C 308 -18.24 22.84 49.93
N THR C 309 -17.95 21.67 49.38
CA THR C 309 -16.65 21.39 48.77
C THR C 309 -16.62 21.65 47.27
N TRP C 310 -17.73 22.09 46.69
CA TRP C 310 -17.77 22.38 45.26
C TRP C 310 -18.76 23.50 45.01
N CYS C 311 -18.52 24.29 43.94
CA CYS C 311 -19.35 25.43 43.51
C CYS C 311 -19.76 25.24 42.00
N PHE C 312 -20.94 25.74 41.58
CA PHE C 312 -21.42 25.62 40.22
C PHE C 312 -22.33 26.82 39.92
N ILE C 313 -22.72 26.93 38.66
CA ILE C 313 -23.60 28.00 38.19
C ILE C 313 -24.81 28.09 39.11
N GLN C 314 -25.31 29.31 39.32
CA GLN C 314 -26.48 29.55 40.17
C GLN C 314 -27.72 29.09 39.41
N MET C 315 -28.01 27.79 39.53
CA MET C 315 -29.12 27.21 38.78
C MET C 315 -30.47 27.69 39.28
N VAL C 316 -30.49 28.44 40.37
CA VAL C 316 -31.76 28.99 40.94
C VAL C 316 -31.64 30.35 41.59
N HIS C 317 -32.55 31.26 41.31
CA HIS C 317 -32.55 32.60 41.93
C HIS C 317 -33.87 32.83 42.62
N GLU C 318 -33.95 33.84 43.46
CA GLU C 318 -35.17 34.04 44.24
C GLU C 318 -36.24 34.85 43.51
N GLU C 319 -35.89 36.03 43.02
CA GLU C 319 -36.88 36.73 42.21
C GLU C 319 -36.89 36.05 40.84
N GLY C 320 -35.74 36.03 40.15
CA GLY C 320 -35.68 35.47 38.82
C GLY C 320 -34.81 36.41 38.08
N SER C 321 -33.98 37.15 38.78
CA SER C 321 -33.07 38.09 38.16
C SER C 321 -32.76 37.61 36.82
N LEU C 322 -33.50 38.06 35.84
CA LEU C 322 -33.24 37.48 34.52
C LEU C 322 -31.76 37.48 34.19
N SER C 323 -30.99 38.42 34.73
CA SER C 323 -29.57 38.49 34.41
C SER C 323 -28.84 37.21 34.82
N VAL C 324 -29.25 36.61 35.94
CA VAL C 324 -28.59 35.40 36.41
C VAL C 324 -29.19 34.16 35.75
N LEU C 325 -30.48 34.04 35.74
CA LEU C 325 -31.07 32.88 35.13
C LEU C 325 -30.80 32.79 33.60
N GLY C 326 -30.53 33.86 32.90
CA GLY C 326 -30.29 33.77 31.47
C GLY C 326 -29.08 32.92 31.14
N TYR C 327 -27.99 33.09 31.89
CA TYR C 327 -26.79 32.30 31.62
C TYR C 327 -27.05 30.82 31.89
N SER C 328 -27.73 30.50 32.98
CA SER C 328 -28.05 29.11 33.26
C SER C 328 -28.92 28.50 32.17
N VAL C 329 -29.93 29.24 31.73
CA VAL C 329 -30.82 28.72 30.69
C VAL C 329 -30.06 28.52 29.39
N LEU C 330 -29.17 29.47 29.05
CA LEU C 330 -28.40 29.34 27.82
C LEU C 330 -27.48 28.13 27.88
N TYR C 331 -26.78 27.95 29.01
CA TYR C 331 -25.91 26.79 29.16
C TYR C 331 -26.70 25.49 29.05
N SER C 332 -27.85 25.42 29.71
CA SER C 332 -28.66 24.20 29.66
C SER C 332 -29.15 23.93 28.24
N SER C 333 -29.58 24.98 27.53
CA SER C 333 -30.06 24.80 26.16
C SER C 333 -28.94 24.33 25.25
N LEU C 334 -27.74 24.91 25.40
CA LEU C 334 -26.61 24.48 24.60
C LEU C 334 -26.27 23.02 24.88
N MET C 335 -26.24 22.64 26.16
CA MET C 335 -25.97 21.25 26.51
C MET C 335 -27.00 20.32 25.90
N ALA C 336 -28.28 20.68 25.98
CA ALA C 336 -29.33 19.83 25.43
C ALA C 336 -29.20 19.70 23.91
N LEU C 337 -28.92 20.81 23.23
CA LEU C 337 -28.77 20.76 21.77
C LEU C 337 -27.58 19.88 21.38
N LEU C 338 -26.45 20.03 22.08
CA LEU C 338 -25.29 19.21 21.78
C LEU C 338 -25.58 17.74 22.04
N VAL C 339 -26.29 17.43 23.13
CA VAL C 339 -26.61 16.05 23.44
C VAL C 339 -27.51 15.45 22.35
N LEU C 340 -28.52 16.22 21.93
CA LEU C 340 -29.42 15.74 20.88
C LEU C 340 -28.67 15.51 19.57
N ALA C 341 -27.77 16.43 19.22
CA ALA C 341 -27.00 16.28 18.00
C ALA C 341 -26.11 15.03 18.06
N THR C 342 -25.46 14.81 19.21
CA THR C 342 -24.62 13.62 19.36
C THR C 342 -25.46 12.35 19.26
N VAL C 343 -26.64 12.35 19.86
CA VAL C 343 -27.50 11.17 19.80
C VAL C 343 -27.92 10.90 18.35
N LEU C 344 -28.29 11.97 17.63
CA LEU C 344 -28.69 11.78 16.23
C LEU C 344 -27.54 11.27 15.39
N CYS C 345 -26.33 11.80 15.61
CA CYS C 345 -25.17 11.33 14.86
C CYS C 345 -24.86 9.87 15.16
N ASN C 346 -24.97 9.46 16.42
CA ASN C 346 -24.73 8.06 16.77
C ASN C 346 -25.78 7.16 16.15
N LEU C 347 -27.04 7.59 16.17
CA LEU C 347 -28.10 6.81 15.54
C LEU C 347 -27.84 6.65 14.05
N GLY C 348 -27.44 7.74 13.38
CA GLY C 348 -27.12 7.64 11.96
C GLY C 348 -25.95 6.73 11.68
N ALA C 349 -24.91 6.80 12.52
CA ALA C 349 -23.76 5.92 12.35
C ALA C 349 -24.16 4.46 12.50
N MET C 350 -24.99 4.16 13.51
CA MET C 350 -25.45 2.79 13.69
C MET C 350 -26.32 2.32 12.52
N ARG C 351 -27.19 3.20 12.01
CA ARG C 351 -27.98 2.85 10.85
C ARG C 351 -27.11 2.53 9.65
N ASN C 352 -26.08 3.35 9.42
CA ASN C 352 -25.16 3.08 8.30
C ASN C 352 -24.41 1.77 8.52
N LEU C 353 -23.99 1.49 9.76
CA LEU C 353 -23.25 0.26 10.03
C LEU C 353 -24.12 -0.98 9.85
N TYR C 354 -25.41 -0.90 10.16
CA TYR C 354 -26.28 -2.06 9.98
C TYR C 354 -26.39 -2.46 8.51
N ALA C 355 -26.56 -1.48 7.61
CA ALA C 355 -26.52 -1.80 6.19
C ALA C 355 -25.16 -2.36 5.80
N MET C 356 -24.08 -1.79 6.33
CA MET C 356 -22.75 -2.33 6.09
C MET C 356 -22.63 -3.73 6.64
N HIS C 357 -23.23 -3.98 7.81
CA HIS C 357 -23.20 -5.32 8.38
C HIS C 357 -23.86 -6.33 7.46
N ARG C 358 -25.05 -5.99 6.94
CA ARG C 358 -25.74 -6.89 6.04
C ARG C 358 -24.95 -7.11 4.75
N ARG C 359 -24.38 -6.04 4.21
CA ARG C 359 -23.60 -6.16 2.98
C ARG C 359 -22.37 -7.04 3.19
N LEU C 360 -21.74 -6.93 4.37
CA LEU C 360 -20.67 -7.87 4.74
C LEU C 360 -21.20 -9.27 4.97
N GLN C 361 -22.48 -9.41 5.33
CA GLN C 361 -23.03 -10.73 5.57
C GLN C 361 -23.26 -11.49 4.27
N ARG C 362 -23.84 -10.84 3.26
CA ARG C 362 -24.43 -11.62 2.19
C ARG C 362 -23.41 -12.48 1.44
N HIS C 363 -22.64 -11.90 0.52
CA HIS C 363 -21.43 -12.58 0.02
C HIS C 363 -20.18 -12.15 0.77
N PRO C 364 -19.89 -10.83 0.86
CA PRO C 364 -18.58 -10.41 1.36
C PRO C 364 -18.59 -10.09 2.85
N GLN C 384 -9.98 -11.54 14.51
CA GLN C 384 -9.35 -10.62 15.46
C GLN C 384 -9.77 -9.17 15.22
N PRO C 385 -9.81 -8.72 13.96
CA PRO C 385 -10.21 -7.34 13.69
C PRO C 385 -11.62 -7.04 14.20
N LEU C 386 -11.86 -5.78 14.50
CA LEU C 386 -13.17 -5.37 15.00
C LEU C 386 -14.19 -5.37 13.87
N GLU C 387 -15.38 -5.88 14.16
CA GLU C 387 -16.47 -5.91 13.20
C GLU C 387 -17.28 -4.62 13.33
N GLU C 388 -18.42 -4.56 12.63
CA GLU C 388 -19.29 -3.40 12.71
C GLU C 388 -20.42 -3.58 13.72
N LEU C 389 -20.87 -4.81 13.93
CA LEU C 389 -21.91 -5.09 14.91
C LEU C 389 -21.44 -4.90 16.34
N ASP C 390 -20.12 -4.83 16.57
CA ASP C 390 -19.58 -4.47 17.87
C ASP C 390 -19.39 -2.98 18.03
N HIS C 391 -18.99 -2.27 16.98
CA HIS C 391 -19.01 -0.81 17.01
C HIS C 391 -20.42 -0.31 17.26
N LEU C 392 -21.42 -1.02 16.71
CA LEU C 392 -22.81 -0.66 16.98
C LEU C 392 -23.10 -0.68 18.48
N LEU C 393 -22.73 -1.78 19.15
CA LEU C 393 -22.97 -1.88 20.59
C LEU C 393 -22.16 -0.86 21.38
N LEU C 394 -20.92 -0.62 20.98
CA LEU C 394 -20.11 0.38 21.66
C LEU C 394 -20.74 1.76 21.56
N LEU C 395 -21.14 2.18 20.36
CA LEU C 395 -21.80 3.45 20.18
C LEU C 395 -23.12 3.54 20.92
N ALA C 396 -23.91 2.46 20.94
CA ALA C 396 -25.16 2.47 21.67
C ALA C 396 -24.93 2.65 23.16
N LEU C 397 -23.99 1.91 23.74
CA LEU C 397 -23.69 2.07 25.16
C LEU C 397 -23.20 3.49 25.45
N MET C 398 -22.31 4.01 24.60
CA MET C 398 -21.79 5.36 24.81
C MET C 398 -22.92 6.38 24.80
N THR C 399 -23.81 6.27 23.81
CA THR C 399 -24.92 7.20 23.70
C THR C 399 -25.83 7.12 24.92
N VAL C 400 -26.20 5.89 25.31
CA VAL C 400 -27.11 5.72 26.44
C VAL C 400 -26.50 6.33 27.70
N LEU C 401 -25.23 6.01 27.98
CA LEU C 401 -24.61 6.51 29.20
C LEU C 401 -24.43 8.02 29.15
N PHE C 402 -24.02 8.56 28.01
CA PHE C 402 -23.86 10.01 27.88
C PHE C 402 -25.18 10.72 28.10
N THR C 403 -26.27 10.21 27.52
CA THR C 403 -27.57 10.81 27.73
C THR C 403 -28.05 10.71 29.18
N MET C 404 -27.92 9.53 29.80
CA MET C 404 -28.32 9.37 31.19
C MET C 404 -27.47 10.19 32.15
N CYS C 405 -26.27 10.57 31.75
CA CYS C 405 -25.42 11.41 32.58
C CYS C 405 -25.58 12.90 32.31
N SER C 406 -26.03 13.28 31.12
CA SER C 406 -26.18 14.68 30.76
C SER C 406 -27.59 15.22 30.94
N LEU C 407 -28.61 14.35 30.96
CA LEU C 407 -29.98 14.81 31.10
C LEU C 407 -30.29 15.29 32.53
N PRO C 408 -29.73 14.66 33.56
CA PRO C 408 -30.05 15.13 34.93
C PRO C 408 -29.72 16.58 35.18
N VAL C 409 -28.52 17.03 34.79
CA VAL C 409 -28.14 18.41 35.05
C VAL C 409 -29.02 19.37 34.26
N ILE C 410 -29.35 19.02 33.02
CA ILE C 410 -30.21 19.87 32.20
C ILE C 410 -31.60 19.98 32.83
N TYR C 411 -32.14 18.84 33.28
CA TYR C 411 -33.45 18.84 33.92
C TYR C 411 -33.44 19.69 35.19
N ARG C 412 -32.38 19.56 36.01
CA ARG C 412 -32.30 20.35 37.22
C ARG C 412 -32.18 21.84 36.91
N ALA C 413 -31.41 22.19 35.88
CA ALA C 413 -31.29 23.60 35.51
C ALA C 413 -32.64 24.15 35.05
N TYR C 414 -33.32 23.44 34.16
CA TYR C 414 -34.63 23.91 33.72
C TYR C 414 -35.62 24.01 34.88
N TYR C 415 -35.56 23.07 35.83
CA TYR C 415 -36.45 23.12 36.98
C TYR C 415 -36.18 24.35 37.83
N GLY C 416 -34.91 24.58 38.18
CA GLY C 416 -34.58 25.75 38.96
C GLY C 416 -34.88 27.05 38.23
N ALA C 417 -34.87 27.01 36.90
CA ALA C 417 -35.10 28.23 36.11
C ALA C 417 -36.59 28.55 36.01
N PHE C 418 -37.42 27.57 35.70
CA PHE C 418 -38.83 27.84 35.48
C PHE C 418 -39.83 27.30 36.49
N LYS C 419 -39.71 26.07 36.96
CA LYS C 419 -40.78 25.45 37.79
C LYS C 419 -40.68 25.44 39.30
N ASP C 420 -39.71 26.17 39.85
CA ASP C 420 -39.49 26.19 41.30
C ASP C 420 -40.06 27.48 41.94
N VAL C 421 -40.96 28.15 41.24
CA VAL C 421 -41.53 29.40 41.77
C VAL C 421 -42.17 29.09 43.11
N LYS C 422 -42.75 27.92 43.28
CA LYS C 422 -43.24 27.51 44.60
C LYS C 422 -42.03 26.79 45.14
N GLU C 423 -41.34 27.35 46.12
CA GLU C 423 -40.13 26.70 46.58
C GLU C 423 -40.48 25.35 47.16
N LYS C 424 -39.67 24.34 46.90
CA LYS C 424 -39.89 23.03 47.49
C LYS C 424 -38.71 22.51 48.25
N ASN C 425 -38.93 21.95 49.42
CA ASN C 425 -37.89 21.27 50.19
C ASN C 425 -36.48 21.48 49.72
N ARG C 426 -35.83 22.49 50.21
CA ARG C 426 -34.48 22.82 49.77
C ARG C 426 -33.54 21.63 49.90
N THR C 427 -33.75 20.78 50.91
CA THR C 427 -32.89 19.62 51.09
C THR C 427 -32.94 18.69 49.87
N SER C 428 -34.15 18.33 49.44
CA SER C 428 -34.30 17.45 48.29
C SER C 428 -33.74 18.09 47.02
N GLU C 429 -33.95 19.40 46.86
CA GLU C 429 -33.43 20.08 45.68
C GLU C 429 -31.91 20.05 45.64
N GLU C 430 -31.27 20.34 46.78
CA GLU C 430 -29.81 20.28 46.84
C GLU C 430 -29.31 18.85 46.60
N ALA C 431 -29.99 17.86 47.17
CA ALA C 431 -29.59 16.48 46.94
C ALA C 431 -29.68 16.11 45.47
N GLU C 432 -30.75 16.53 44.79
CA GLU C 432 -30.89 16.21 43.37
C GLU C 432 -29.86 16.98 42.54
N ASP C 433 -29.57 18.23 42.91
CA ASP C 433 -28.55 18.98 42.19
C ASP C 433 -27.18 18.30 42.32
N LEU C 434 -26.87 17.78 43.50
CA LEU C 434 -25.62 17.05 43.67
C LEU C 434 -25.61 15.74 42.88
N ARG C 435 -26.65 14.95 42.98
CA ARG C 435 -26.74 13.76 42.25
C ARG C 435 -26.55 14.04 40.76
N ALA C 436 -27.21 15.04 40.18
CA ALA C 436 -27.10 15.28 38.74
C ALA C 436 -25.65 15.33 38.31
N LEU C 437 -24.84 16.14 38.99
CA LEU C 437 -23.42 16.20 38.66
C LEU C 437 -22.69 14.91 39.00
N ARG C 438 -23.16 14.17 40.01
CA ARG C 438 -22.56 12.88 40.31
C ARG C 438 -22.61 11.96 39.09
N PHE C 439 -23.74 11.96 38.39
CA PHE C 439 -23.85 11.16 37.16
C PHE C 439 -23.13 11.83 36.01
N LEU C 440 -23.21 13.15 35.90
CA LEU C 440 -22.54 13.86 34.81
C LEU C 440 -21.05 13.57 34.80
N SER C 441 -20.43 13.43 35.99
CA SER C 441 -19.00 13.16 36.06
C SER C 441 -18.65 11.77 35.52
N VAL C 442 -19.65 10.90 35.32
CA VAL C 442 -19.38 9.54 34.86
C VAL C 442 -19.01 9.52 33.38
N ILE C 443 -19.27 10.59 32.64
CA ILE C 443 -18.94 10.61 31.22
C ILE C 443 -17.42 10.52 31.02
N SER C 444 -16.67 11.25 31.84
CA SER C 444 -15.22 11.23 31.73
C SER C 444 -14.65 9.88 32.14
N ILE C 445 -15.36 9.11 32.96
CA ILE C 445 -14.90 7.78 33.33
C ILE C 445 -15.30 6.74 32.30
N VAL C 446 -16.40 6.98 31.58
CA VAL C 446 -16.89 6.02 30.60
C VAL C 446 -16.17 6.17 29.26
N ASP C 447 -15.89 7.40 28.84
CA ASP C 447 -15.29 7.62 27.52
C ASP C 447 -13.97 6.87 27.34
N PRO C 448 -13.02 6.90 28.27
CA PRO C 448 -11.74 6.20 28.03
C PRO C 448 -11.92 4.71 27.79
N TRP C 449 -12.87 4.06 28.46
CA TRP C 449 -13.08 2.64 28.27
C TRP C 449 -13.78 2.33 26.95
N ILE C 450 -14.76 3.15 26.59
CA ILE C 450 -15.55 2.88 25.39
C ILE C 450 -14.73 3.18 24.13
N PHE C 451 -13.94 4.25 24.15
CA PHE C 451 -13.29 4.73 22.93
C PHE C 451 -11.94 4.09 22.67
N ILE C 452 -11.23 3.64 23.70
CA ILE C 452 -9.88 3.13 23.53
C ILE C 452 -9.75 1.70 24.06
N ILE C 453 -9.99 1.52 25.37
CA ILE C 453 -9.70 0.24 26.00
C ILE C 453 -10.47 -0.89 25.32
N PHE C 454 -11.78 -0.73 25.13
CA PHE C 454 -12.56 -1.76 24.50
C PHE C 454 -12.19 -1.96 23.03
N ARG C 455 -11.50 -0.99 22.42
CA ARG C 455 -11.05 -1.14 21.04
C ARG C 455 -9.61 -1.62 20.95
N SER C 456 -8.81 -1.44 21.99
CA SER C 456 -7.42 -1.86 21.96
C SER C 456 -7.35 -3.39 21.87
N PRO C 457 -6.60 -3.96 20.93
CA PRO C 457 -6.51 -5.42 20.87
C PRO C 457 -6.00 -6.05 22.16
N VAL C 458 -5.10 -5.39 22.88
CA VAL C 458 -4.53 -5.97 24.09
C VAL C 458 -5.63 -6.32 25.08
N PHE C 459 -6.70 -5.53 25.15
CA PHE C 459 -7.79 -5.81 26.07
C PHE C 459 -8.75 -6.84 25.51
N ARG C 460 -9.00 -6.81 24.21
CA ARG C 460 -9.95 -7.74 23.60
C ARG C 460 -9.44 -9.18 23.61
N ILE C 461 -8.13 -9.39 23.70
CA ILE C 461 -7.59 -10.75 23.77
C ILE C 461 -8.18 -11.49 24.96
N PHE C 462 -8.27 -10.82 26.11
CA PHE C 462 -8.84 -11.42 27.31
C PHE C 462 -10.35 -11.23 27.39
N PHE C 463 -10.85 -10.08 26.94
CA PHE C 463 -12.29 -9.80 26.95
C PHE C 463 -12.97 -10.46 25.76
N THR D 6 8.50 -19.18 -39.17
CA THR D 6 9.61 -18.27 -39.44
C THR D 6 10.14 -17.66 -38.14
N ALA D 7 9.22 -17.13 -37.33
CA ALA D 7 9.62 -16.52 -36.07
C ALA D 7 10.16 -17.57 -35.10
N SER D 8 9.49 -18.73 -35.02
CA SER D 8 9.94 -19.77 -34.11
C SER D 8 11.37 -20.19 -34.40
N ILE D 9 11.72 -20.32 -35.68
CA ILE D 9 13.08 -20.72 -36.05
C ILE D 9 14.02 -19.51 -36.08
N ALA D 10 13.51 -18.33 -36.41
CA ALA D 10 14.37 -17.14 -36.42
C ALA D 10 14.87 -16.82 -35.02
N GLN D 11 14.02 -17.01 -34.01
CA GLN D 11 14.44 -16.77 -32.64
C GLN D 11 15.58 -17.70 -32.26
N ALA D 12 15.47 -18.99 -32.59
CA ALA D 12 16.53 -19.93 -32.28
C ALA D 12 17.81 -19.60 -33.06
N ARG D 13 17.67 -19.18 -34.31
CA ARG D 13 18.84 -18.79 -35.10
C ARG D 13 19.56 -17.62 -34.46
N LYS D 14 18.81 -16.58 -34.07
CA LYS D 14 19.42 -15.43 -33.43
C LYS D 14 20.05 -15.80 -32.09
N LEU D 15 19.40 -16.68 -31.33
CA LEU D 15 19.96 -17.11 -30.06
C LEU D 15 21.29 -17.84 -30.27
N VAL D 16 21.33 -18.75 -31.24
CA VAL D 16 22.56 -19.48 -31.53
C VAL D 16 23.65 -18.52 -31.99
N GLU D 17 23.29 -17.55 -32.83
CA GLU D 17 24.28 -16.59 -33.31
C GLU D 17 24.86 -15.77 -32.16
N GLN D 18 23.99 -15.28 -31.28
CA GLN D 18 24.47 -14.50 -30.14
C GLN D 18 25.31 -15.34 -29.20
N LEU D 19 24.93 -16.61 -29.01
CA LEU D 19 25.70 -17.49 -28.14
C LEU D 19 27.07 -17.76 -28.72
N LYS D 20 27.15 -17.93 -30.05
CA LYS D 20 28.45 -18.08 -30.69
C LYS D 20 29.29 -16.83 -30.54
N MET D 21 28.68 -15.65 -30.73
CA MET D 21 29.42 -14.40 -30.59
C MET D 21 29.93 -14.23 -29.16
N GLU D 22 29.15 -14.67 -28.18
CA GLU D 22 29.54 -14.51 -26.78
C GLU D 22 30.52 -15.57 -26.31
N ALA D 23 30.56 -16.73 -26.97
CA ALA D 23 31.45 -17.80 -26.54
C ALA D 23 32.92 -17.43 -26.77
N ASN D 24 33.19 -16.67 -27.83
CA ASN D 24 34.56 -16.34 -28.22
C ASN D 24 35.08 -15.07 -27.58
N ILE D 25 34.49 -14.65 -26.45
CA ILE D 25 34.98 -13.44 -25.79
C ILE D 25 36.26 -13.75 -25.01
N ASP D 26 36.99 -12.69 -24.65
CA ASP D 26 38.24 -12.82 -23.90
C ASP D 26 37.89 -12.91 -22.42
N ARG D 27 37.59 -14.13 -21.99
CA ARG D 27 37.25 -14.38 -20.59
C ARG D 27 38.51 -14.37 -19.74
N ILE D 28 38.41 -13.76 -18.57
CA ILE D 28 39.55 -13.57 -17.67
C ILE D 28 39.33 -14.42 -16.42
N LYS D 29 40.44 -14.78 -15.77
CA LYS D 29 40.38 -15.56 -14.55
C LYS D 29 39.66 -14.80 -13.46
N VAL D 30 39.15 -15.54 -12.47
CA VAL D 30 38.42 -14.91 -11.37
C VAL D 30 39.37 -14.39 -10.30
N SER D 31 40.55 -15.02 -10.16
CA SER D 31 41.50 -14.57 -9.14
C SER D 31 41.99 -13.16 -9.44
N LYS D 32 42.34 -12.88 -10.70
CA LYS D 32 42.81 -11.55 -11.06
C LYS D 32 41.71 -10.52 -10.92
N ALA D 33 40.48 -10.87 -11.28
CA ALA D 33 39.36 -9.96 -11.11
C ALA D 33 39.13 -9.64 -9.64
N ALA D 34 39.20 -10.66 -8.78
CA ALA D 34 39.04 -10.42 -7.34
C ALA D 34 40.16 -9.54 -6.82
N ALA D 35 41.39 -9.77 -7.26
CA ALA D 35 42.51 -8.94 -6.83
C ALA D 35 42.31 -7.48 -7.25
N ASP D 36 41.85 -7.28 -8.49
CA ASP D 36 41.62 -5.91 -8.97
C ASP D 36 40.50 -5.24 -8.18
N LEU D 37 39.42 -5.98 -7.90
CA LEU D 37 38.34 -5.41 -7.10
C LEU D 37 38.82 -5.03 -5.71
N MET D 38 39.61 -5.90 -5.08
CA MET D 38 40.12 -5.60 -3.75
C MET D 38 41.03 -4.38 -3.78
N ALA D 39 41.89 -4.28 -4.81
CA ALA D 39 42.77 -3.13 -4.93
C ALA D 39 41.96 -1.84 -5.09
N TYR D 40 40.94 -1.88 -5.95
CA TYR D 40 40.11 -0.69 -6.14
C TYR D 40 39.39 -0.30 -4.86
N CYS D 41 38.90 -1.30 -4.12
CA CYS D 41 38.18 -1.01 -2.88
C CYS D 41 39.12 -0.38 -1.85
N GLU D 42 40.29 -0.97 -1.65
CA GLU D 42 41.22 -0.45 -0.66
C GLU D 42 41.84 0.87 -1.08
N ALA D 43 41.84 1.18 -2.38
CA ALA D 43 42.41 2.44 -2.85
C ALA D 43 41.51 3.62 -2.50
N HIS D 44 40.23 3.53 -2.84
CA HIS D 44 39.26 4.59 -2.59
C HIS D 44 38.53 4.42 -1.26
N ALA D 45 39.07 3.61 -0.34
CA ALA D 45 38.42 3.40 0.95
C ALA D 45 38.26 4.73 1.70
N LYS D 46 39.35 5.49 1.82
CA LYS D 46 39.30 6.76 2.54
C LYS D 46 38.46 7.79 1.80
N GLU D 47 38.30 7.67 0.48
CA GLU D 47 37.52 8.60 -0.30
C GLU D 47 36.03 8.26 -0.31
N ASP D 48 35.58 7.34 0.55
CA ASP D 48 34.19 6.95 0.62
C ASP D 48 33.58 7.47 1.91
N PRO D 49 32.85 8.59 1.89
CA PRO D 49 32.25 9.11 3.13
C PRO D 49 31.35 8.11 3.84
N LEU D 50 30.78 7.14 3.11
CA LEU D 50 29.91 6.15 3.76
C LEU D 50 30.72 5.09 4.48
N LEU D 51 31.82 4.63 3.87
CA LEU D 51 32.64 3.60 4.50
C LEU D 51 33.31 4.13 5.76
N THR D 52 33.99 5.27 5.66
CA THR D 52 34.70 5.86 6.79
C THR D 52 33.87 6.98 7.41
N PRO D 53 34.08 7.30 8.69
CA PRO D 53 33.30 8.37 9.33
C PRO D 53 33.72 9.75 8.84
N VAL D 54 32.86 10.39 8.06
CA VAL D 54 33.17 11.73 7.55
C VAL D 54 33.06 12.73 8.69
N PRO D 55 33.97 13.71 8.80
CA PRO D 55 33.86 14.69 9.88
C PRO D 55 32.52 15.41 9.84
N ALA D 56 32.06 15.83 11.03
CA ALA D 56 30.79 16.53 11.11
C ALA D 56 30.83 17.87 10.37
N SER D 57 31.93 18.62 10.55
CA SER D 57 32.04 19.91 9.89
C SER D 57 31.98 19.77 8.38
N GLU D 58 32.72 18.82 7.83
CA GLU D 58 32.75 18.62 6.38
C GLU D 58 31.40 18.13 5.85
N ASN D 59 30.60 17.49 6.69
CA ASN D 59 29.30 16.99 6.25
C ASN D 59 28.34 18.14 6.00
N PRO D 60 27.84 18.34 4.78
CA PRO D 60 26.86 19.42 4.56
C PRO D 60 25.49 19.13 5.17
N PHE D 61 25.23 17.91 5.64
CA PHE D 61 23.92 17.53 6.15
C PHE D 61 23.80 17.69 7.66
N ARG D 62 24.54 18.61 8.26
CA ARG D 62 24.45 18.84 9.70
C ARG D 62 23.20 19.66 10.02
N GLN E 23 21.42 -21.14 -14.89
CA GLN E 23 20.23 -20.75 -15.62
C GLN E 23 19.08 -21.72 -15.35
N VAL E 24 17.86 -21.20 -15.34
CA VAL E 24 16.68 -22.04 -15.13
C VAL E 24 16.55 -23.03 -16.28
N GLN E 25 16.37 -24.30 -15.95
CA GLN E 25 16.27 -25.36 -16.95
C GLN E 25 15.19 -26.35 -16.54
N LEU E 26 14.32 -26.68 -17.48
CA LEU E 26 13.26 -27.67 -17.29
C LEU E 26 13.25 -28.60 -18.49
N GLN E 27 13.37 -29.91 -18.24
CA GLN E 27 13.43 -30.91 -19.30
C GLN E 27 12.26 -31.86 -19.10
N GLU E 28 11.30 -31.83 -20.02
CA GLU E 28 10.15 -32.72 -19.97
C GLU E 28 10.39 -33.94 -20.84
N SER E 29 9.81 -35.07 -20.42
CA SER E 29 9.93 -36.31 -21.16
C SER E 29 8.82 -37.26 -20.72
N GLY E 30 8.75 -38.40 -21.39
CA GLY E 30 7.76 -39.42 -21.10
C GLY E 30 6.55 -39.41 -22.01
N GLY E 31 6.41 -38.40 -22.87
CA GLY E 31 5.28 -38.34 -23.78
C GLY E 31 5.51 -39.11 -25.06
N GLY E 32 4.41 -39.50 -25.69
CA GLY E 32 4.49 -40.24 -26.93
C GLY E 32 3.12 -40.66 -27.40
N LEU E 33 3.11 -41.57 -28.37
CA LEU E 33 1.86 -42.08 -28.92
C LEU E 33 1.20 -43.04 -27.94
N VAL E 34 -0.13 -43.13 -28.03
CA VAL E 34 -0.91 -43.99 -27.15
C VAL E 34 -2.29 -44.16 -27.77
N GLN E 35 -2.93 -45.29 -27.47
CA GLN E 35 -4.29 -45.54 -27.93
C GLN E 35 -5.30 -45.01 -26.93
N PRO E 36 -6.56 -44.85 -27.34
CA PRO E 36 -7.58 -44.37 -26.41
C PRO E 36 -7.68 -45.27 -25.19
N GLY E 37 -7.66 -44.66 -24.00
CA GLY E 37 -7.74 -45.39 -22.76
C GLY E 37 -6.40 -45.82 -22.18
N GLY E 38 -5.29 -45.46 -22.82
CA GLY E 38 -3.98 -45.84 -22.31
C GLY E 38 -3.59 -45.04 -21.08
N SER E 39 -2.32 -45.11 -20.70
CA SER E 39 -1.83 -44.41 -19.52
C SER E 39 -0.37 -44.06 -19.72
N LEU E 40 -0.02 -42.82 -19.35
CA LEU E 40 1.35 -42.34 -19.48
C LEU E 40 1.81 -41.74 -18.15
N ARG E 41 3.11 -41.44 -18.07
CA ARG E 41 3.71 -40.85 -16.88
C ARG E 41 4.75 -39.83 -17.35
N LEU E 42 4.33 -38.57 -17.48
CA LEU E 42 5.25 -37.52 -17.87
C LEU E 42 6.13 -37.11 -16.69
N SER E 43 7.40 -36.85 -16.97
CA SER E 43 8.37 -36.50 -15.95
C SER E 43 9.12 -35.25 -16.38
N CYS E 44 9.21 -34.28 -15.47
CA CYS E 44 9.90 -33.02 -15.72
C CYS E 44 11.05 -32.89 -14.72
N ALA E 45 12.28 -32.81 -15.25
CA ALA E 45 13.48 -32.64 -14.43
C ALA E 45 13.83 -31.15 -14.41
N ALA E 46 13.93 -30.59 -13.22
CA ALA E 46 14.27 -29.18 -13.06
C ALA E 46 15.73 -29.01 -12.68
N SER E 47 16.23 -27.80 -12.89
CA SER E 47 17.60 -27.46 -12.50
C SER E 47 17.77 -25.96 -12.54
N GLY E 48 18.67 -25.46 -11.70
CA GLY E 48 18.98 -24.04 -11.67
C GLY E 48 18.20 -23.23 -10.66
N PHE E 49 17.58 -23.87 -9.67
CA PHE E 49 16.82 -23.16 -8.65
C PHE E 49 16.38 -24.16 -7.59
N THR E 50 15.82 -23.63 -6.51
CA THR E 50 15.28 -24.47 -5.43
C THR E 50 13.90 -24.94 -5.84
N PHE E 51 13.81 -26.22 -6.24
CA PHE E 51 12.54 -26.76 -6.73
C PHE E 51 11.45 -26.72 -5.67
N SER E 52 11.84 -26.75 -4.39
CA SER E 52 10.86 -26.81 -3.31
C SER E 52 10.24 -25.46 -2.99
N ASN E 53 10.88 -24.35 -3.36
CA ASN E 53 10.42 -23.02 -2.99
C ASN E 53 9.47 -22.42 -4.02
N TYR E 54 9.06 -23.16 -5.04
CA TYR E 54 8.19 -22.66 -6.08
C TYR E 54 7.03 -23.61 -6.33
N LYS E 55 5.88 -23.05 -6.66
CA LYS E 55 4.71 -23.85 -7.03
C LYS E 55 4.82 -24.29 -8.48
N MET E 56 4.48 -25.56 -8.74
CA MET E 56 4.62 -26.14 -10.06
C MET E 56 3.27 -26.22 -10.73
N ASN E 57 3.26 -26.11 -12.07
CA ASN E 57 2.03 -26.19 -12.85
C ASN E 57 2.28 -26.99 -14.12
N TRP E 58 1.27 -27.73 -14.55
CA TRP E 58 1.26 -28.39 -15.85
C TRP E 58 0.23 -27.70 -16.73
N VAL E 59 0.68 -27.25 -17.90
CA VAL E 59 -0.21 -26.64 -18.90
C VAL E 59 -0.03 -27.41 -20.21
N ARG E 60 -0.93 -27.15 -21.15
CA ARG E 60 -0.88 -27.83 -22.44
C ARG E 60 -1.32 -26.87 -23.54
N GLN E 61 -0.74 -27.07 -24.72
CA GLN E 61 -1.09 -26.32 -25.92
C GLN E 61 -1.51 -27.32 -26.98
N ALA E 62 -2.78 -27.26 -27.40
CA ALA E 62 -3.29 -28.18 -28.40
C ALA E 62 -2.91 -27.71 -29.80
N PRO E 63 -2.89 -28.63 -30.77
CA PRO E 63 -2.55 -28.22 -32.15
C PRO E 63 -3.56 -27.21 -32.67
N GLY E 64 -3.06 -26.03 -33.01
CA GLY E 64 -3.92 -24.95 -33.46
C GLY E 64 -4.78 -24.41 -32.35
N LYS E 65 -4.17 -24.10 -31.21
CA LYS E 65 -4.88 -23.60 -30.05
C LYS E 65 -3.87 -22.92 -29.13
N GLY E 66 -4.38 -22.22 -28.11
CA GLY E 66 -3.55 -21.51 -27.17
C GLY E 66 -3.25 -22.33 -25.92
N LEU E 67 -2.40 -21.76 -25.08
CA LEU E 67 -2.00 -22.42 -23.84
C LEU E 67 -3.21 -22.69 -22.96
N GLU E 68 -3.28 -23.89 -22.41
CA GLU E 68 -4.37 -24.32 -21.54
C GLU E 68 -3.80 -24.88 -20.25
N TRP E 69 -4.20 -24.29 -19.12
CA TRP E 69 -3.76 -24.80 -17.83
C TRP E 69 -4.40 -26.14 -17.52
N VAL E 70 -3.57 -27.10 -17.10
CA VAL E 70 -4.05 -28.45 -16.81
C VAL E 70 -4.20 -28.62 -15.30
N SER E 71 -3.12 -28.40 -14.56
CA SER E 71 -3.14 -28.65 -13.12
C SER E 71 -2.04 -27.85 -12.44
N ASP E 72 -2.10 -27.82 -11.11
CA ASP E 72 -1.10 -27.14 -10.30
C ASP E 72 -0.91 -27.89 -8.98
N ILE E 73 0.32 -27.83 -8.48
CA ILE E 73 0.69 -28.45 -7.21
C ILE E 73 1.59 -27.47 -6.46
N SER E 74 1.27 -27.25 -5.19
CA SER E 74 1.97 -26.26 -4.38
C SER E 74 3.37 -26.76 -4.01
N GLN E 75 4.05 -25.96 -3.18
CA GLN E 75 5.42 -26.30 -2.78
C GLN E 75 5.45 -27.61 -2.00
N SER E 76 4.78 -27.64 -0.85
CA SER E 76 4.80 -28.82 0.00
C SER E 76 4.06 -30.01 -0.60
N GLY E 77 3.36 -29.81 -1.72
CA GLY E 77 2.62 -30.91 -2.34
C GLY E 77 1.29 -31.20 -1.71
N ALA E 78 0.85 -30.40 -0.74
CA ALA E 78 -0.45 -30.63 -0.11
C ALA E 78 -1.58 -30.09 -0.96
N SER E 79 -1.53 -28.81 -1.31
CA SER E 79 -2.55 -28.20 -2.14
C SER E 79 -2.35 -28.61 -3.59
N ILE E 80 -3.35 -29.27 -4.16
CA ILE E 80 -3.32 -29.72 -5.55
C ILE E 80 -4.64 -29.32 -6.20
N SER E 81 -4.58 -28.98 -7.49
CA SER E 81 -5.77 -28.60 -8.22
C SER E 81 -5.65 -29.06 -9.66
N TYR E 82 -6.80 -29.43 -10.25
CA TYR E 82 -6.86 -29.85 -11.64
C TYR E 82 -8.00 -29.10 -12.32
N THR E 83 -7.93 -29.00 -13.64
CA THR E 83 -9.00 -28.39 -14.40
C THR E 83 -10.20 -29.33 -14.45
N GLY E 84 -11.37 -28.76 -14.72
CA GLY E 84 -12.60 -29.54 -14.73
C GLY E 84 -12.52 -30.75 -15.65
N SER E 85 -11.90 -30.58 -16.82
CA SER E 85 -11.76 -31.67 -17.77
C SER E 85 -10.66 -32.66 -17.38
N VAL E 86 -10.03 -32.48 -16.22
CA VAL E 86 -8.94 -33.36 -15.80
C VAL E 86 -9.17 -33.95 -14.41
N LYS E 87 -10.03 -33.37 -13.58
CA LYS E 87 -10.24 -33.89 -12.23
C LYS E 87 -10.61 -35.37 -12.28
N GLY E 88 -9.99 -36.13 -11.39
CA GLY E 88 -10.25 -37.56 -11.31
C GLY E 88 -9.73 -38.36 -12.48
N ARG E 89 -8.88 -37.79 -13.32
CA ARG E 89 -8.32 -38.49 -14.46
C ARG E 89 -6.79 -38.45 -14.50
N PHE E 90 -6.19 -37.34 -14.10
CA PHE E 90 -4.73 -37.22 -14.02
C PHE E 90 -4.33 -36.98 -12.57
N THR E 91 -3.08 -37.29 -12.26
CA THR E 91 -2.53 -37.12 -10.92
C THR E 91 -1.19 -36.42 -11.00
N ILE E 92 -1.08 -35.27 -10.36
CA ILE E 92 0.16 -34.50 -10.32
C ILE E 92 0.88 -34.80 -9.02
N SER E 93 2.21 -34.80 -9.07
CA SER E 93 3.01 -35.05 -7.87
C SER E 93 4.39 -34.45 -8.07
N ARG E 94 5.14 -34.33 -6.98
CA ARG E 94 6.48 -33.78 -7.01
C ARG E 94 7.35 -34.50 -5.99
N ASP E 95 8.67 -34.42 -6.21
CA ASP E 95 9.63 -35.03 -5.28
C ASP E 95 10.78 -34.03 -5.10
N ASN E 96 10.71 -33.26 -4.03
CA ASN E 96 11.75 -32.26 -3.77
C ASN E 96 13.10 -32.88 -3.43
N ALA E 97 13.13 -34.17 -3.07
CA ALA E 97 14.40 -34.83 -2.77
C ALA E 97 15.28 -34.96 -4.01
N LYS E 98 14.71 -34.78 -5.20
CA LYS E 98 15.49 -34.86 -6.44
C LYS E 98 15.11 -33.77 -7.43
N ASN E 99 14.23 -32.84 -7.06
CA ASN E 99 13.83 -31.74 -7.93
C ASN E 99 13.22 -32.28 -9.23
N THR E 100 12.12 -33.00 -9.08
CA THR E 100 11.43 -33.61 -10.20
C THR E 100 9.93 -33.51 -10.02
N LEU E 101 9.22 -33.37 -11.14
CA LEU E 101 7.76 -33.31 -11.17
C LEU E 101 7.23 -34.46 -12.01
N TYR E 102 6.08 -35.00 -11.61
CA TYR E 102 5.49 -36.15 -12.28
C TYR E 102 4.01 -35.90 -12.53
N LEU E 103 3.54 -36.39 -13.67
CA LEU E 103 2.13 -36.28 -14.05
C LEU E 103 1.70 -37.63 -14.61
N GLN E 104 0.93 -38.37 -13.83
CA GLN E 104 0.41 -39.66 -14.25
C GLN E 104 -0.94 -39.49 -14.91
N MET E 105 -1.02 -39.79 -16.20
CA MET E 105 -2.27 -39.72 -16.96
C MET E 105 -2.83 -41.14 -17.02
N ASN E 106 -3.94 -41.36 -16.30
CA ASN E 106 -4.49 -42.70 -16.19
C ASN E 106 -5.26 -43.11 -17.44
N SER E 107 -6.12 -42.22 -17.94
CA SER E 107 -6.95 -42.52 -19.10
C SER E 107 -6.98 -41.29 -20.00
N LEU E 108 -6.41 -41.42 -21.20
CA LEU E 108 -6.36 -40.33 -22.15
C LEU E 108 -7.43 -40.50 -23.23
N LYS E 109 -7.68 -39.43 -23.97
CA LYS E 109 -8.66 -39.41 -25.04
C LYS E 109 -8.09 -38.62 -26.20
N PRO E 110 -8.68 -38.76 -27.39
CA PRO E 110 -8.11 -38.07 -28.57
C PRO E 110 -7.91 -36.58 -28.37
N GLU E 111 -8.82 -35.91 -27.67
CA GLU E 111 -8.70 -34.47 -27.48
C GLU E 111 -7.54 -34.09 -26.56
N ASP E 112 -6.90 -35.06 -25.91
CA ASP E 112 -5.78 -34.78 -25.03
C ASP E 112 -4.46 -34.56 -25.77
N THR E 113 -4.42 -34.83 -27.07
CA THR E 113 -3.20 -34.62 -27.84
C THR E 113 -2.79 -33.15 -27.78
N ALA E 114 -1.56 -32.90 -27.34
CA ALA E 114 -1.08 -31.54 -27.18
C ALA E 114 0.38 -31.58 -26.75
N VAL E 115 0.99 -30.40 -26.72
CA VAL E 115 2.35 -30.24 -26.17
C VAL E 115 2.20 -29.78 -24.72
N TYR E 116 2.65 -30.60 -23.78
CA TYR E 116 2.55 -30.31 -22.36
C TYR E 116 3.81 -29.61 -21.88
N TYR E 117 3.63 -28.50 -21.18
CA TYR E 117 4.72 -27.71 -20.61
C TYR E 117 4.61 -27.68 -19.09
N CYS E 118 5.77 -27.57 -18.44
CA CYS E 118 5.86 -27.43 -17.00
C CYS E 118 6.25 -26.00 -16.67
N ALA E 119 5.42 -25.31 -15.89
CA ALA E 119 5.61 -23.90 -15.56
C ALA E 119 5.91 -23.77 -14.08
N ARG E 120 6.73 -22.78 -13.75
CA ARG E 120 7.13 -22.49 -12.37
C ARG E 120 6.58 -21.14 -11.94
N CYS E 121 6.37 -21.00 -10.63
CA CYS E 121 5.88 -19.75 -10.09
C CYS E 121 6.86 -18.62 -10.41
N PRO E 122 6.38 -17.42 -10.75
CA PRO E 122 7.32 -16.34 -11.07
C PRO E 122 8.29 -16.04 -9.95
N ALA E 123 7.82 -15.94 -8.72
CA ALA E 123 8.64 -15.62 -7.55
C ALA E 123 8.47 -16.69 -6.48
N PRO E 124 9.46 -16.84 -5.60
CA PRO E 124 9.34 -17.84 -4.53
C PRO E 124 8.48 -17.36 -3.38
N PHE E 125 7.98 -18.32 -2.61
CA PHE E 125 7.17 -18.05 -1.43
C PHE E 125 5.88 -17.31 -1.79
N THR E 126 5.37 -17.56 -3.00
CA THR E 126 4.14 -16.93 -3.46
C THR E 126 3.25 -17.99 -4.11
N ARG E 127 1.96 -17.67 -4.22
CA ARG E 127 0.98 -18.56 -4.82
C ARG E 127 0.25 -17.93 -6.00
N ASP E 128 0.62 -16.72 -6.41
CA ASP E 128 0.01 -16.05 -7.56
C ASP E 128 0.88 -16.33 -8.79
N CYS E 129 0.34 -17.09 -9.73
CA CYS E 129 1.06 -17.47 -10.94
C CYS E 129 0.58 -16.67 -12.14
N PHE E 130 1.51 -16.34 -13.02
CA PHE E 130 1.21 -15.64 -14.27
C PHE E 130 1.95 -16.30 -15.43
N ASP E 131 1.99 -17.63 -15.42
CA ASP E 131 2.71 -18.41 -16.43
C ASP E 131 1.81 -18.84 -17.58
N VAL E 132 0.54 -18.44 -17.60
CA VAL E 132 -0.36 -18.78 -18.69
C VAL E 132 -0.19 -17.77 -19.82
N THR E 133 0.78 -16.87 -19.67
CA THR E 133 1.04 -15.86 -20.69
C THR E 133 1.22 -16.51 -22.05
N SER E 134 0.59 -15.92 -23.07
CA SER E 134 0.74 -16.43 -24.43
C SER E 134 2.14 -16.17 -24.97
N THR E 135 2.69 -14.99 -24.71
CA THR E 135 4.04 -14.68 -25.17
C THR E 135 5.05 -15.62 -24.53
N THR E 136 6.27 -15.59 -25.06
CA THR E 136 7.34 -16.45 -24.58
C THR E 136 7.56 -16.24 -23.09
N TYR E 137 7.29 -17.29 -22.32
CA TYR E 137 7.50 -17.26 -20.87
C TYR E 137 8.91 -17.72 -20.55
N ALA E 138 9.61 -16.93 -19.74
CA ALA E 138 11.03 -17.15 -19.48
C ALA E 138 11.30 -18.31 -18.53
N TYR E 139 10.28 -18.92 -17.94
CA TYR E 139 10.46 -19.97 -16.95
C TYR E 139 9.58 -21.17 -17.28
N ARG E 140 9.61 -21.61 -18.54
CA ARG E 140 8.95 -22.82 -18.97
C ARG E 140 9.90 -23.64 -19.84
N GLY E 141 9.74 -24.95 -19.78
CA GLY E 141 10.57 -25.85 -20.56
C GLY E 141 10.14 -25.90 -22.02
N GLN E 142 10.80 -26.79 -22.76
CA GLN E 142 10.49 -26.96 -24.17
C GLN E 142 9.19 -27.72 -24.40
N GLY E 143 8.74 -28.51 -23.43
CA GLY E 143 7.50 -29.24 -23.54
C GLY E 143 7.68 -30.58 -24.22
N THR E 144 6.71 -31.47 -23.99
CA THR E 144 6.71 -32.81 -24.56
C THR E 144 5.42 -33.01 -25.35
N GLN E 145 5.55 -33.53 -26.57
CA GLN E 145 4.40 -33.75 -27.43
C GLN E 145 3.76 -35.10 -27.11
N VAL E 146 2.46 -35.11 -26.85
CA VAL E 146 1.70 -36.32 -26.59
C VAL E 146 0.56 -36.38 -27.59
N THR E 147 0.36 -37.56 -28.20
CA THR E 147 -0.68 -37.74 -29.20
C THR E 147 -1.45 -39.00 -28.89
N VAL E 148 -2.77 -38.95 -29.09
CA VAL E 148 -3.67 -40.07 -28.86
C VAL E 148 -4.49 -40.29 -30.12
N SER E 149 -4.45 -41.51 -30.66
CA SER E 149 -5.18 -41.84 -31.87
C SER E 149 -5.59 -43.30 -31.81
N SER E 150 -6.79 -43.58 -32.33
CA SER E 150 -7.30 -44.95 -32.34
C SER E 150 -6.63 -45.78 -33.44
#